data_9MN9
#
_entry.id   9MN9
#
_cell.length_a   1.00
_cell.length_b   1.00
_cell.length_c   1.00
_cell.angle_alpha   90.00
_cell.angle_beta   90.00
_cell.angle_gamma   90.00
#
_symmetry.space_group_name_H-M   'P 1'
#
loop_
_entity.id
_entity.type
_entity.pdbx_description
1 polymer 'DNA-directed RNA polymerase, mitochondrial'
2 polymer 'Non-Template Strand DNA'
3 polymer RNA
4 polymer 'Template Strand DNA'
5 non-polymer "3'-DEOXY-CYTIDINE-5'-TRIPHOSPHATE"
6 non-polymer 'MAGNESIUM ION'
#
loop_
_entity_poly.entity_id
_entity_poly.type
_entity_poly.pdbx_seq_one_letter_code
_entity_poly.pdbx_strand_id
1 'polypeptide(L)'
;MSALCWGRGAAGLKRALRPCGRPGLPGKEGTAGGVCGPRRSSSASPQEQDQDRRKDWGHVELLEVLQARVRQLQAESVSE
VVVNRVDVARLPECGSGDGSLQPPRKVQMGAKDATPVPCGRWAKILEKDKRTQQMRMQRLKAKLQMPFQSGEFKALTRRL
QVEPRLLSKQMAGCLEDCTRQAPESPWEEQLARLLQEAPGKLSLDVEQAPSGQHSQAQLSGQQQRLLAFFKCCLLTDQLP
LAHHLLVVHHGQRQKRKLLTLDMYNAVMLGWARQGAFKELVYVLFMVKDAGLTPDLLSYAAALQCMGRQDQDAGTIERCL
EQMSQEGLKLQALFTAVLLSEEDRATVLKAVHKVKPTFSLPPQLPPPVNTSKLLRDVYAKDGRVSYPKLHLPLKTLQCLF
EKQLHMELASRVCVVSVEKPTLPSKEVKHARKTLKTLRDQWEKALCRALRETKNRLEREVYEGRFSLYPFLCLLDEREVV
RMLLQVLQALPAQGESFTTLARELSARTFSRHVVQRQRVSGQVQALQNHYRKYLCLLASDAEVPEPCLPRQYWEELGAPE
ALREQPWPLPVQMELGKLLAEMLVQATQMPCSLDKPHRSSRLVPVLYHVYSFRNVQQIGILKPHPAYVQLLEKAAEPTLT
FEAVDVPMLCPPLPWTSPHSGAFLLSPTKLMRTVEGATQHQELLETCPPTALHGALDALTQLGNCAWRVNGRVLDLVLQL
FQAKGCPQLGVPAPPSEAPQPPEAHLPHSAAPARKAELRRELAHCQKVAREMHSLRAEALYRLSLAQHLRDRVFWLPHNM
DFRGRTYPCPPHFNHLGSDVARALLEFAQGRPLGPHGLDWLKIHLVNLTGLKKREPLRKRLAFAEEVMDDILDSADQPLT
GRKWWMGAEEPWQTLACCMEVANAVRASDPAAYVSHLPVHQDGSCNGLQHYAALGRDSVGAASVNLEPSDVPQDVYSGVA
AQVEVFRRQDAQRGMRVAQVLEGFITRKVVKQTVMTVVYGVTRYGGRLQIEKRLRELSDFPQEFVWEASHYLVRQVFKSL
QEMFSGTRAIQHWLTESARLISHMGSVVEWVTPLGVPVIQPYRLDSKVKQIGGGIQSITYTHNGDISRKPNTRKQKNGFP
PNFIHSLDSSHMMLTALHCYRKGLTFVSVHDCYWTHAADVSVMNQVCREQFVRLHSEPILQDLSRFLVKRFCSEPQKILE
ASQLKETLQAVPKPGAFDLEQVKRSTYFFS
;
E
2 'polydeoxyribonucleotide'
;(DG)(DT)(DG)(DT)(DT)(DA)(DG)(DT)(DT)(DA)(DG)(DG)(DG)(DA)(DG)(DT)(DG)(DA)(DC)(DT)
(DG)(DT)(DT)(DA)(DA)(DA)(DA)(DG)(DT)(DG)(DC)(DA)(DT)(DA)(DC)(DC)(DG)(DC)(DC)(DA)
(DA)(DG)(DA)(DG)(DA)(DA)(DG)(DA)(DG)(DA)(DA)(DA)(DA)(DC)(DC)(DC)(DA)(DA)(DT)(DT)
(DG)(DT)(DG)(DG)(DC)(DC)
;
N
3 'polyribonucleotide' AAAGAAAAC R
4 'polydeoxyribonucleotide'
;(DG)(DG)(DC)(DC)(DA)(DC)(DA)(DA)(DT)(DT)(DG)(DG)(DG)(DT)(DT)(DT)(DT)(DC)(DT)(DT)
(DT)(DT)(DC)(DT)(DC)(DT)(DT)(DG)(DG)(DC)(DG)(DG)(DT)(DA)(DT)(DG)(DC)(DA)(DC)(DT)
(DT)(DT)(DT)(DA)(DA)(DC)(DA)(DG)(DT)(DC)(DA)(DC)(DT)(DC)(DC)(DC)(DT)(DA)(DA)(DC)
(DT)(DA)(DA)(DC)(DA)(DC)
;
T
#
# COMPACT_ATOMS: atom_id res chain seq x y z
N GLN A 218 -0.91 -25.32 -16.59
CA GLN A 218 -2.12 -26.12 -16.70
C GLN A 218 -2.89 -25.78 -17.97
N LEU A 219 -3.75 -24.79 -17.89
CA LEU A 219 -4.58 -24.40 -19.03
C LEU A 219 -3.74 -23.65 -20.06
N SER A 220 -4.17 -23.72 -21.32
CA SER A 220 -3.45 -23.07 -22.40
C SER A 220 -3.61 -21.56 -22.32
N GLY A 221 -2.74 -20.84 -23.03
CA GLY A 221 -2.84 -19.40 -23.08
C GLY A 221 -4.10 -18.93 -23.78
N GLN A 222 -4.41 -19.52 -24.93
CA GLN A 222 -5.64 -19.16 -25.63
C GLN A 222 -6.86 -19.68 -24.92
N GLN A 223 -6.74 -20.80 -24.18
CA GLN A 223 -7.89 -21.33 -23.45
C GLN A 223 -8.21 -20.47 -22.24
N GLN A 224 -7.18 -19.93 -21.57
CA GLN A 224 -7.41 -18.92 -20.53
C GLN A 224 -7.86 -17.60 -21.13
N ARG A 225 -7.47 -17.33 -22.37
CA ARG A 225 -7.77 -16.05 -23.00
C ARG A 225 -9.22 -15.97 -23.46
N LEU A 226 -9.76 -17.08 -23.96
CA LEU A 226 -11.15 -17.10 -24.43
C LEU A 226 -12.14 -16.99 -23.27
N LEU A 227 -11.79 -17.51 -22.09
CA LEU A 227 -12.66 -17.35 -20.93
C LEU A 227 -12.79 -15.88 -20.54
N ALA A 228 -11.68 -15.15 -20.59
CA ALA A 228 -11.73 -13.71 -20.36
C ALA A 228 -12.54 -13.02 -21.44
N PHE A 229 -12.44 -13.50 -22.69
CA PHE A 229 -13.24 -12.98 -23.78
C PHE A 229 -14.74 -13.15 -23.51
N PHE A 230 -15.16 -14.33 -23.08
CA PHE A 230 -16.58 -14.59 -22.87
C PHE A 230 -17.11 -13.86 -21.64
N LYS A 231 -16.30 -13.73 -20.59
CA LYS A 231 -16.69 -12.91 -19.46
C LYS A 231 -16.78 -11.44 -19.84
N CYS A 232 -15.90 -10.98 -20.75
CA CYS A 232 -15.98 -9.61 -21.23
C CYS A 232 -17.24 -9.38 -22.06
N CYS A 233 -17.64 -10.37 -22.85
CA CYS A 233 -18.93 -10.26 -23.54
C CYS A 233 -20.10 -10.32 -22.59
N LEU A 234 -19.96 -10.99 -21.45
CA LEU A 234 -20.97 -10.85 -20.41
C LEU A 234 -21.00 -9.43 -19.87
N LEU A 235 -19.84 -8.78 -19.84
CA LEU A 235 -19.70 -7.52 -19.12
C LEU A 235 -20.32 -6.35 -19.87
N THR A 236 -20.31 -6.40 -21.21
CA THR A 236 -20.82 -5.31 -22.03
C THR A 236 -21.97 -5.70 -22.94
N ASP A 237 -22.70 -6.75 -22.60
CA ASP A 237 -23.87 -7.26 -23.36
C ASP A 237 -23.39 -7.63 -24.77
N GLN A 238 -24.12 -7.21 -25.81
CA GLN A 238 -23.86 -7.47 -27.25
C GLN A 238 -23.49 -8.93 -27.54
N LEU A 239 -23.98 -9.86 -26.72
CA LEU A 239 -23.53 -11.25 -26.60
C LEU A 239 -23.60 -12.18 -27.84
N PRO A 240 -24.44 -11.94 -28.88
CA PRO A 240 -24.32 -12.80 -30.07
C PRO A 240 -22.97 -12.87 -30.77
N LEU A 241 -22.00 -11.96 -30.54
CA LEU A 241 -20.69 -12.21 -31.15
C LEU A 241 -20.01 -13.37 -30.45
N ALA A 242 -20.14 -13.44 -29.13
CA ALA A 242 -19.62 -14.57 -28.36
C ALA A 242 -20.34 -15.86 -28.71
N HIS A 243 -21.67 -15.78 -28.87
CA HIS A 243 -22.43 -16.95 -29.31
C HIS A 243 -22.00 -17.39 -30.71
N HIS A 244 -21.72 -16.42 -31.59
CA HIS A 244 -21.26 -16.72 -32.94
C HIS A 244 -19.90 -17.39 -32.92
N LEU A 245 -19.01 -16.94 -32.03
CA LEU A 245 -17.69 -17.57 -31.92
C LEU A 245 -17.79 -18.98 -31.38
N LEU A 246 -18.72 -19.23 -30.45
CA LEU A 246 -19.02 -20.61 -30.06
C LEU A 246 -19.56 -21.43 -31.22
N VAL A 247 -20.39 -20.83 -32.08
CA VAL A 247 -20.92 -21.57 -33.24
C VAL A 247 -19.80 -21.90 -34.22
N VAL A 248 -18.86 -20.97 -34.43
CA VAL A 248 -17.71 -21.22 -35.31
C VAL A 248 -16.84 -22.32 -34.72
N HIS A 249 -16.66 -22.35 -33.41
CA HIS A 249 -16.00 -23.50 -32.79
C HIS A 249 -16.83 -24.77 -32.91
N HIS A 250 -18.16 -24.65 -32.93
CA HIS A 250 -19.02 -25.83 -33.06
C HIS A 250 -18.97 -26.41 -34.46
N GLY A 251 -18.60 -25.59 -35.46
CA GLY A 251 -18.59 -26.08 -36.83
C GLY A 251 -17.53 -27.14 -37.08
N GLN A 252 -16.35 -26.97 -36.48
CA GLN A 252 -15.27 -27.93 -36.62
C GLN A 252 -14.99 -28.58 -35.26
N ARG A 253 -14.92 -29.92 -35.24
CA ARG A 253 -14.84 -30.64 -33.97
C ARG A 253 -13.53 -30.36 -33.24
N GLN A 254 -12.45 -30.05 -33.97
CA GLN A 254 -11.22 -29.64 -33.31
C GLN A 254 -11.31 -28.23 -32.77
N LYS A 255 -12.19 -27.40 -33.34
CA LYS A 255 -12.29 -26.02 -32.89
C LYS A 255 -13.01 -25.91 -31.55
N ARG A 256 -14.01 -26.75 -31.33
CA ARG A 256 -14.65 -26.79 -30.01
C ARG A 256 -13.87 -27.61 -29.02
N LYS A 257 -12.83 -28.33 -29.46
CA LYS A 257 -11.96 -29.02 -28.53
C LYS A 257 -11.10 -28.03 -27.77
N LEU A 258 -10.62 -28.46 -26.60
CA LEU A 258 -9.91 -27.64 -25.62
C LEU A 258 -10.72 -26.45 -25.15
N LEU A 259 -12.04 -26.56 -25.11
CA LEU A 259 -12.91 -25.53 -24.59
C LEU A 259 -13.44 -25.97 -23.24
N THR A 260 -13.16 -25.19 -22.20
CA THR A 260 -13.56 -25.57 -20.85
C THR A 260 -15.05 -25.36 -20.66
N LEU A 261 -15.59 -26.00 -19.61
CA LEU A 261 -17.03 -25.98 -19.36
C LEU A 261 -17.48 -24.63 -18.84
N ASP A 262 -16.57 -23.88 -18.20
CA ASP A 262 -16.92 -22.58 -17.62
C ASP A 262 -17.28 -21.55 -18.68
N MET A 263 -16.74 -21.65 -19.89
CA MET A 263 -17.14 -20.73 -20.96
C MET A 263 -18.58 -21.01 -21.40
N TYR A 264 -18.96 -22.29 -21.50
CA TYR A 264 -20.34 -22.64 -21.76
C TYR A 264 -21.25 -22.13 -20.66
N ASN A 265 -20.83 -22.28 -19.39
CA ASN A 265 -21.62 -21.78 -18.28
C ASN A 265 -21.77 -20.27 -18.33
N ALA A 266 -20.71 -19.57 -18.73
CA ALA A 266 -20.75 -18.10 -18.84
C ALA A 266 -21.74 -17.66 -19.91
N VAL A 267 -21.69 -18.28 -21.09
CA VAL A 267 -22.58 -17.85 -22.16
C VAL A 267 -24.03 -18.25 -21.87
N MET A 268 -24.25 -19.40 -21.22
CA MET A 268 -25.60 -19.75 -20.76
C MET A 268 -26.12 -18.75 -19.74
N LEU A 269 -25.27 -18.30 -18.82
CA LEU A 269 -25.72 -17.33 -17.83
C LEU A 269 -26.02 -15.99 -18.48
N GLY A 270 -25.28 -15.64 -19.52
CA GLY A 270 -25.57 -14.42 -20.24
C GLY A 270 -26.87 -14.48 -21.02
N TRP A 271 -27.13 -15.61 -21.68
CA TRP A 271 -28.42 -15.80 -22.32
C TRP A 271 -29.55 -15.86 -21.30
N ALA A 272 -29.26 -16.33 -20.08
CA ALA A 272 -30.25 -16.31 -19.01
C ALA A 272 -30.58 -14.88 -18.60
N ARG A 273 -29.56 -14.02 -18.54
CA ARG A 273 -29.80 -12.60 -18.31
C ARG A 273 -30.58 -11.99 -19.46
N GLN A 274 -30.30 -12.41 -20.69
CA GLN A 274 -31.09 -11.95 -21.84
C GLN A 274 -32.51 -12.50 -21.79
N GLY A 275 -32.67 -13.74 -21.36
CA GLY A 275 -33.97 -14.38 -21.34
C GLY A 275 -34.32 -15.20 -22.57
N ALA A 276 -33.33 -15.55 -23.39
CA ALA A 276 -33.56 -16.32 -24.61
C ALA A 276 -33.45 -17.81 -24.28
N PHE A 277 -34.58 -18.51 -24.33
CA PHE A 277 -34.60 -19.93 -24.00
C PHE A 277 -34.08 -20.80 -25.15
N LYS A 278 -34.29 -20.37 -26.39
CA LYS A 278 -33.93 -21.18 -27.55
C LYS A 278 -32.41 -21.33 -27.66
N GLU A 279 -31.68 -20.22 -27.53
CA GLU A 279 -30.22 -20.28 -27.53
C GLU A 279 -29.69 -21.03 -26.33
N LEU A 280 -30.38 -20.93 -25.19
CA LEU A 280 -30.01 -21.69 -24.00
C LEU A 280 -30.08 -23.19 -24.27
N VAL A 281 -31.17 -23.63 -24.93
CA VAL A 281 -31.33 -25.04 -25.26
C VAL A 281 -30.28 -25.47 -26.29
N TYR A 282 -29.94 -24.58 -27.22
CA TYR A 282 -28.89 -24.90 -28.20
C TYR A 282 -27.53 -25.09 -27.51
N VAL A 283 -27.19 -24.22 -26.55
CA VAL A 283 -25.93 -24.38 -25.84
C VAL A 283 -25.98 -25.61 -24.94
N LEU A 284 -27.15 -25.94 -24.38
CA LEU A 284 -27.32 -27.21 -23.67
C LEU A 284 -27.04 -28.41 -24.57
N PHE A 285 -27.54 -28.36 -25.80
CA PHE A 285 -27.32 -29.45 -26.74
C PHE A 285 -25.84 -29.58 -27.09
N MET A 286 -25.15 -28.45 -27.22
CA MET A 286 -23.70 -28.49 -27.40
C MET A 286 -22.97 -29.00 -26.16
N VAL A 287 -23.52 -28.76 -24.97
CA VAL A 287 -22.89 -29.29 -23.75
C VAL A 287 -23.01 -30.81 -23.69
N LYS A 288 -24.20 -31.36 -23.96
CA LYS A 288 -24.29 -32.82 -24.05
C LYS A 288 -23.53 -33.37 -25.24
N ASP A 289 -23.30 -32.58 -26.27
CA ASP A 289 -22.39 -32.99 -27.32
C ASP A 289 -20.95 -32.92 -26.81
N ALA A 290 -20.07 -33.75 -27.41
CA ALA A 290 -18.62 -33.77 -27.15
C ALA A 290 -18.28 -34.11 -25.70
N GLY A 291 -19.15 -34.85 -25.02
CA GLY A 291 -18.80 -35.48 -23.76
C GLY A 291 -18.78 -34.60 -22.53
N LEU A 292 -19.20 -33.34 -22.64
CA LEU A 292 -19.25 -32.49 -21.46
C LEU A 292 -20.51 -32.77 -20.65
N THR A 293 -20.40 -32.52 -19.34
CA THR A 293 -21.49 -32.81 -18.42
C THR A 293 -22.07 -31.52 -17.85
N PRO A 294 -23.38 -31.47 -17.60
CA PRO A 294 -23.94 -30.29 -16.94
C PRO A 294 -23.53 -30.20 -15.49
N ASP A 295 -23.37 -28.98 -15.01
CA ASP A 295 -22.94 -28.74 -13.64
C ASP A 295 -23.95 -27.74 -13.05
N LEU A 296 -23.67 -27.20 -11.87
CA LEU A 296 -24.66 -26.41 -11.15
C LEU A 296 -24.97 -25.09 -11.83
N LEU A 297 -23.98 -24.48 -12.49
CA LEU A 297 -24.20 -23.18 -13.12
C LEU A 297 -25.16 -23.29 -14.29
N SER A 298 -25.15 -24.44 -14.98
CA SER A 298 -26.08 -24.65 -16.08
C SER A 298 -27.53 -24.72 -15.59
N TYR A 299 -27.76 -25.40 -14.46
CA TYR A 299 -29.10 -25.40 -13.87
C TYR A 299 -29.48 -24.03 -13.34
N ALA A 300 -28.50 -23.28 -12.81
CA ALA A 300 -28.79 -21.91 -12.40
C ALA A 300 -29.22 -21.04 -13.57
N ALA A 301 -28.55 -21.20 -14.73
CA ALA A 301 -28.92 -20.46 -15.92
C ALA A 301 -30.30 -20.88 -16.45
N ALA A 302 -30.60 -22.18 -16.39
CA ALA A 302 -31.91 -22.65 -16.83
C ALA A 302 -33.03 -22.12 -15.96
N LEU A 303 -32.82 -22.16 -14.63
CA LEU A 303 -33.83 -21.61 -13.72
C LEU A 303 -33.92 -20.09 -13.84
N GLN A 304 -32.84 -19.42 -14.23
CA GLN A 304 -32.92 -17.98 -14.45
C GLN A 304 -33.72 -17.65 -15.71
N CYS A 305 -33.54 -18.44 -16.78
CA CYS A 305 -34.40 -18.29 -17.97
C CYS A 305 -35.86 -18.53 -17.64
N MET A 306 -36.14 -19.54 -16.81
CA MET A 306 -37.53 -19.77 -16.42
C MET A 306 -38.04 -18.69 -15.48
N GLY A 307 -37.14 -18.02 -14.76
CA GLY A 307 -37.54 -16.88 -13.95
C GLY A 307 -37.93 -15.67 -14.78
N ARG A 308 -37.14 -15.35 -15.80
CA ARG A 308 -37.53 -14.28 -16.73
C ARG A 308 -38.81 -14.60 -17.48
N GLN A 309 -38.94 -15.84 -17.95
CA GLN A 309 -40.12 -16.21 -18.72
C GLN A 309 -41.24 -16.67 -17.79
N ASP A 310 -42.33 -17.14 -18.39
CA ASP A 310 -43.47 -17.66 -17.67
C ASP A 310 -43.91 -19.03 -18.18
N GLN A 311 -43.42 -19.46 -19.34
CA GLN A 311 -43.81 -20.74 -19.93
C GLN A 311 -43.34 -21.91 -19.07
N ASP A 312 -44.13 -22.99 -19.12
CA ASP A 312 -44.04 -24.20 -18.29
C ASP A 312 -44.30 -23.95 -16.81
N ALA A 313 -44.67 -22.71 -16.44
CA ALA A 313 -44.95 -22.28 -15.07
C ALA A 313 -43.79 -22.60 -14.13
N GLY A 314 -42.57 -22.38 -14.60
CA GLY A 314 -41.40 -22.56 -13.78
C GLY A 314 -40.98 -24.00 -13.59
N THR A 315 -40.76 -24.70 -14.72
CA THR A 315 -40.39 -26.12 -14.81
C THR A 315 -41.15 -27.03 -13.83
N ILE A 316 -42.47 -27.10 -14.04
CA ILE A 316 -43.27 -28.12 -13.37
C ILE A 316 -42.80 -29.51 -13.79
N GLU A 317 -42.40 -29.66 -15.06
CA GLU A 317 -42.27 -30.99 -15.63
C GLU A 317 -40.83 -31.48 -15.74
N ARG A 318 -39.84 -30.62 -16.04
CA ARG A 318 -38.54 -31.16 -16.41
C ARG A 318 -37.41 -30.84 -15.45
N CYS A 319 -37.08 -29.56 -15.23
CA CYS A 319 -35.70 -29.22 -14.86
C CYS A 319 -35.40 -29.51 -13.38
N LEU A 320 -36.24 -29.00 -12.47
CA LEU A 320 -35.99 -29.24 -11.05
C LEU A 320 -36.19 -30.71 -10.69
N GLU A 321 -37.14 -31.37 -11.36
CA GLU A 321 -37.32 -32.80 -11.15
C GLU A 321 -36.10 -33.58 -11.64
N GLN A 322 -35.52 -33.16 -12.78
CA GLN A 322 -34.32 -33.81 -13.29
C GLN A 322 -33.13 -33.57 -12.37
N MET A 323 -33.04 -32.36 -11.79
CA MET A 323 -31.97 -32.05 -10.84
C MET A 323 -32.11 -32.90 -9.57
N SER A 324 -33.34 -33.02 -9.05
CA SER A 324 -33.56 -33.82 -7.85
C SER A 324 -33.34 -35.30 -8.12
N GLN A 325 -33.66 -35.77 -9.32
CA GLN A 325 -33.42 -37.16 -9.68
C GLN A 325 -31.93 -37.43 -9.86
N GLU A 326 -31.20 -36.47 -10.42
CA GLU A 326 -29.79 -36.69 -10.71
C GLU A 326 -28.95 -36.69 -9.44
N GLY A 327 -29.27 -35.83 -8.47
CA GLY A 327 -28.63 -35.87 -7.18
C GLY A 327 -27.84 -34.63 -6.78
N LEU A 328 -27.83 -33.57 -7.59
CA LEU A 328 -27.17 -32.34 -7.18
C LEU A 328 -28.02 -31.59 -6.15
N LYS A 329 -27.35 -31.01 -5.16
CA LYS A 329 -28.03 -30.35 -4.06
C LYS A 329 -28.49 -28.96 -4.47
N LEU A 330 -29.71 -28.59 -4.07
CA LEU A 330 -30.26 -27.30 -4.44
C LEU A 330 -29.86 -26.22 -3.43
N GLN A 331 -29.55 -26.61 -2.20
CA GLN A 331 -28.95 -25.66 -1.25
C GLN A 331 -27.60 -25.19 -1.74
N ALA A 332 -26.81 -26.09 -2.32
CA ALA A 332 -25.55 -25.70 -2.94
C ALA A 332 -25.79 -24.80 -4.15
N LEU A 333 -26.91 -24.98 -4.83
CA LEU A 333 -27.26 -24.07 -5.92
C LEU A 333 -27.52 -22.66 -5.40
N PHE A 334 -28.26 -22.56 -4.29
CA PHE A 334 -28.63 -21.23 -3.82
C PHE A 334 -27.47 -20.55 -3.10
N THR A 335 -26.55 -21.31 -2.50
CA THR A 335 -25.56 -20.76 -1.60
C THR A 335 -24.14 -20.74 -2.14
N ALA A 336 -23.67 -21.86 -2.73
CA ALA A 336 -22.23 -22.04 -2.93
C ALA A 336 -21.68 -21.14 -4.04
N VAL A 337 -22.35 -21.07 -5.18
CA VAL A 337 -21.78 -20.39 -6.34
C VAL A 337 -22.29 -18.95 -6.38
N LEU A 338 -21.38 -18.02 -6.69
CA LEU A 338 -21.65 -16.59 -6.63
C LEU A 338 -22.59 -16.16 -7.74
N LEU A 339 -23.74 -15.59 -7.36
CA LEU A 339 -24.67 -14.95 -8.27
C LEU A 339 -25.02 -13.58 -7.72
N SER A 340 -25.43 -12.68 -8.60
CA SER A 340 -25.88 -11.38 -8.14
C SER A 340 -27.26 -11.49 -7.51
N GLU A 341 -27.66 -10.42 -6.80
CA GLU A 341 -28.88 -10.45 -6.00
C GLU A 341 -30.12 -10.61 -6.86
N GLU A 342 -30.15 -9.96 -8.03
CA GLU A 342 -31.29 -10.09 -8.92
C GLU A 342 -31.40 -11.49 -9.51
N ASP A 343 -30.26 -12.08 -9.92
CA ASP A 343 -30.28 -13.45 -10.43
C ASP A 343 -30.67 -14.45 -9.36
N ARG A 344 -30.18 -14.25 -8.13
CA ARG A 344 -30.59 -15.08 -7.00
C ARG A 344 -32.09 -14.97 -6.75
N ALA A 345 -32.64 -13.77 -6.85
CA ALA A 345 -34.08 -13.58 -6.67
C ALA A 345 -34.89 -14.27 -7.75
N THR A 346 -34.43 -14.19 -9.00
CA THR A 346 -35.17 -14.81 -10.10
C THR A 346 -35.12 -16.33 -10.03
N VAL A 347 -33.95 -16.89 -9.70
CA VAL A 347 -33.85 -18.34 -9.51
C VAL A 347 -34.69 -18.78 -8.30
N LEU A 348 -34.73 -17.95 -7.26
CA LEU A 348 -35.56 -18.26 -6.09
C LEU A 348 -37.05 -18.28 -6.46
N LYS A 349 -37.49 -17.32 -7.29
CA LYS A 349 -38.87 -17.31 -7.75
C LYS A 349 -39.18 -18.55 -8.60
N ALA A 350 -38.28 -18.91 -9.52
CA ALA A 350 -38.51 -20.06 -10.37
C ALA A 350 -38.48 -21.36 -9.58
N VAL A 351 -37.69 -21.42 -8.50
CA VAL A 351 -37.76 -22.54 -7.59
C VAL A 351 -39.09 -22.53 -6.83
N HIS A 352 -39.56 -21.36 -6.42
CA HIS A 352 -40.83 -21.26 -5.72
C HIS A 352 -42.04 -21.56 -6.61
N LYS A 353 -41.84 -21.68 -7.93
CA LYS A 353 -42.94 -22.10 -8.80
C LYS A 353 -43.46 -23.49 -8.45
N VAL A 354 -42.56 -24.43 -8.15
CA VAL A 354 -42.94 -25.78 -7.73
C VAL A 354 -42.28 -26.08 -6.39
N LYS A 355 -43.07 -26.60 -5.43
CA LYS A 355 -42.78 -26.63 -4.00
C LYS A 355 -42.52 -25.20 -3.50
N PRO A 356 -43.56 -24.38 -3.35
CA PRO A 356 -43.35 -23.03 -2.79
C PRO A 356 -42.90 -23.04 -1.33
N THR A 357 -43.09 -24.16 -0.62
CA THR A 357 -42.78 -24.24 0.80
C THR A 357 -41.27 -24.19 1.08
N PHE A 358 -40.44 -24.30 0.06
CA PHE A 358 -39.00 -24.12 0.26
C PHE A 358 -38.69 -22.70 0.71
N SER A 359 -37.80 -22.60 1.69
CA SER A 359 -37.27 -21.32 2.16
C SER A 359 -35.76 -21.39 2.14
N LEU A 360 -35.14 -20.23 1.94
CA LEU A 360 -33.69 -20.12 2.01
C LEU A 360 -33.21 -20.39 3.44
N PRO A 361 -32.03 -20.97 3.60
CA PRO A 361 -31.46 -21.14 4.94
C PRO A 361 -31.24 -19.79 5.61
N PRO A 362 -31.60 -19.68 6.89
CA PRO A 362 -31.64 -18.35 7.52
C PRO A 362 -30.25 -17.76 7.72
N GLN A 363 -30.18 -16.44 7.62
CA GLN A 363 -28.92 -15.74 7.82
C GLN A 363 -28.55 -15.77 9.30
N LEU A 364 -27.37 -16.26 9.58
CA LEU A 364 -26.91 -16.38 10.96
C LEU A 364 -26.42 -15.03 11.47
N PRO A 365 -26.48 -14.81 12.79
CA PRO A 365 -25.83 -13.62 13.36
C PRO A 365 -24.34 -13.66 13.12
N PRO A 366 -23.70 -12.50 12.94
CA PRO A 366 -22.29 -12.46 12.53
C PRO A 366 -21.38 -13.08 13.56
N PRO A 367 -20.41 -13.89 13.13
CA PRO A 367 -19.49 -14.51 14.08
C PRO A 367 -18.56 -13.49 14.70
N VAL A 368 -18.19 -13.76 15.96
CA VAL A 368 -17.33 -12.89 16.75
C VAL A 368 -16.11 -13.70 17.15
N ASN A 369 -14.92 -13.11 16.99
CA ASN A 369 -13.68 -13.81 17.29
C ASN A 369 -13.54 -14.02 18.79
N THR A 370 -13.13 -15.23 19.18
CA THR A 370 -13.06 -15.62 20.58
C THR A 370 -11.60 -15.99 20.91
N SER A 371 -10.66 -15.45 20.14
CA SER A 371 -9.24 -15.59 20.47
C SER A 371 -8.92 -14.84 21.76
N LYS A 372 -7.93 -15.35 22.50
CA LYS A 372 -7.69 -14.86 23.84
C LYS A 372 -7.06 -13.47 23.84
N LEU A 373 -6.22 -13.18 22.85
CA LEU A 373 -5.66 -11.84 22.71
C LEU A 373 -6.70 -10.85 22.19
N LEU A 374 -7.69 -11.34 21.44
CA LEU A 374 -8.71 -10.50 20.84
C LEU A 374 -10.06 -10.64 21.53
N ARG A 375 -10.08 -11.17 22.75
CA ARG A 375 -11.35 -11.34 23.46
C ARG A 375 -11.87 -10.02 24.02
N ASP A 376 -10.98 -9.17 24.54
CA ASP A 376 -11.41 -7.94 25.19
C ASP A 376 -11.93 -6.91 24.19
N VAL A 377 -11.43 -6.93 22.96
CA VAL A 377 -11.84 -5.93 21.99
C VAL A 377 -13.25 -6.20 21.47
N TYR A 378 -13.69 -7.46 21.52
CA TYR A 378 -15.01 -7.84 21.03
C TYR A 378 -15.96 -8.27 22.14
N ALA A 379 -15.62 -8.01 23.39
CA ALA A 379 -16.53 -8.30 24.50
C ALA A 379 -17.48 -7.12 24.69
N LYS A 380 -18.77 -7.42 24.73
CA LYS A 380 -19.76 -6.36 24.92
C LYS A 380 -19.77 -5.85 26.35
N ASP A 381 -19.52 -6.73 27.33
CA ASP A 381 -19.56 -6.37 28.74
C ASP A 381 -18.31 -5.57 29.10
N GLY A 382 -18.36 -4.27 28.78
CA GLY A 382 -17.26 -3.38 29.10
C GLY A 382 -17.63 -1.95 28.77
N ARG A 383 -16.73 -1.05 29.14
CA ARG A 383 -16.89 0.38 28.90
C ARG A 383 -16.04 0.78 27.70
N VAL A 384 -16.69 1.34 26.68
CA VAL A 384 -16.01 1.74 25.45
C VAL A 384 -16.22 3.22 25.23
N SER A 385 -15.17 3.89 24.74
CA SER A 385 -15.21 5.29 24.36
C SER A 385 -14.72 5.36 22.92
N TYR A 386 -15.65 5.28 21.99
CA TYR A 386 -15.32 5.29 20.57
C TYR A 386 -15.32 6.73 20.06
N PRO A 387 -14.23 7.21 19.49
CA PRO A 387 -14.16 8.63 19.09
C PRO A 387 -15.02 8.92 17.87
N LYS A 388 -15.37 10.20 17.74
CA LYS A 388 -16.20 10.67 16.66
C LYS A 388 -15.48 11.79 15.94
N LEU A 389 -15.73 11.92 14.64
CA LEU A 389 -15.13 13.01 13.88
C LEU A 389 -15.74 14.35 14.28
N HIS A 390 -15.02 15.42 13.96
CA HIS A 390 -15.44 16.78 14.25
C HIS A 390 -16.39 17.34 13.20
N LEU A 391 -16.71 16.54 12.18
CA LEU A 391 -17.45 16.95 10.99
C LEU A 391 -18.89 16.51 11.09
N PRO A 392 -19.85 17.40 10.84
CA PRO A 392 -21.26 17.01 10.85
C PRO A 392 -21.62 16.11 9.67
N LEU A 393 -22.79 15.48 9.81
CA LEU A 393 -23.18 14.40 8.90
C LEU A 393 -23.45 14.92 7.49
N LYS A 394 -24.03 16.12 7.37
CA LYS A 394 -24.30 16.70 6.05
C LYS A 394 -23.01 17.08 5.33
N THR A 395 -22.05 17.66 6.06
CA THR A 395 -20.75 17.97 5.48
C THR A 395 -20.01 16.70 5.08
N LEU A 396 -20.10 15.66 5.90
CA LEU A 396 -19.48 14.38 5.55
C LEU A 396 -20.12 13.78 4.31
N GLN A 397 -21.43 13.95 4.17
CA GLN A 397 -22.14 13.43 2.99
C GLN A 397 -21.74 14.17 1.72
N CYS A 398 -21.59 15.50 1.80
CA CYS A 398 -21.19 16.21 0.58
C CYS A 398 -19.72 15.99 0.25
N LEU A 399 -18.87 15.75 1.26
CA LEU A 399 -17.50 15.34 0.95
C LEU A 399 -17.45 13.95 0.33
N PHE A 400 -18.36 13.06 0.74
CA PHE A 400 -18.49 11.78 0.07
C PHE A 400 -18.89 11.96 -1.39
N GLU A 401 -19.79 12.91 -1.65
CA GLU A 401 -20.18 13.21 -3.03
C GLU A 401 -19.01 13.76 -3.84
N LYS A 402 -18.19 14.63 -3.23
CA LYS A 402 -17.01 15.16 -3.92
C LYS A 402 -16.01 14.06 -4.24
N GLN A 403 -15.76 13.15 -3.30
CA GLN A 403 -14.85 12.04 -3.57
C GLN A 403 -15.41 11.10 -4.63
N LEU A 404 -16.73 10.91 -4.64
CA LEU A 404 -17.34 10.08 -5.67
C LEU A 404 -17.18 10.71 -7.05
N HIS A 405 -17.44 12.01 -7.17
CA HIS A 405 -17.24 12.71 -8.44
C HIS A 405 -15.78 12.71 -8.85
N MET A 406 -14.88 12.71 -7.86
CA MET A 406 -13.45 12.63 -8.11
C MET A 406 -13.06 11.26 -8.65
N GLU A 407 -13.64 10.19 -8.13
CA GLU A 407 -13.30 8.85 -8.56
C GLU A 407 -13.98 8.48 -9.87
N LEU A 408 -15.11 9.13 -10.19
CA LEU A 408 -15.81 8.80 -11.43
C LEU A 408 -15.01 9.28 -12.64
N ALA A 409 -14.53 10.51 -12.59
CA ALA A 409 -13.58 11.02 -13.58
C ALA A 409 -12.19 10.78 -13.01
N SER A 410 -11.60 9.63 -13.39
CA SER A 410 -10.53 8.96 -12.67
C SER A 410 -9.24 9.75 -12.54
N ARG A 411 -9.07 10.98 -13.03
CA ARG A 411 -7.85 11.73 -12.79
C ARG A 411 -8.20 13.13 -12.32
N VAL A 412 -7.26 13.72 -11.59
CA VAL A 412 -7.44 14.98 -10.88
C VAL A 412 -6.40 15.97 -11.37
N CYS A 413 -6.84 17.20 -11.67
CA CYS A 413 -5.95 18.26 -12.12
C CYS A 413 -5.57 19.15 -10.93
N VAL A 414 -4.27 19.36 -10.76
CA VAL A 414 -3.71 20.14 -9.65
C VAL A 414 -2.89 21.28 -10.24
N VAL A 415 -3.07 22.49 -9.71
CA VAL A 415 -2.25 23.61 -10.14
C VAL A 415 -0.83 23.44 -9.62
N SER A 416 0.15 23.58 -10.50
CA SER A 416 1.55 23.37 -10.13
C SER A 416 2.07 24.54 -9.30
N VAL A 417 2.98 24.24 -8.38
CA VAL A 417 3.50 25.24 -7.46
C VAL A 417 4.82 25.79 -7.98
N GLU A 418 5.11 25.56 -9.26
CA GLU A 418 6.19 26.26 -9.94
C GLU A 418 5.84 27.74 -10.01
N LYS A 419 6.87 28.58 -10.08
CA LYS A 419 6.71 30.04 -10.06
C LYS A 419 5.85 30.51 -11.23
N PRO A 420 4.72 31.17 -10.96
CA PRO A 420 3.88 31.66 -12.06
C PRO A 420 4.54 32.83 -12.77
N THR A 421 4.56 32.76 -14.10
CA THR A 421 5.20 33.76 -14.93
C THR A 421 4.15 34.67 -15.53
N LEU A 422 4.46 35.97 -15.61
CA LEU A 422 3.59 36.88 -16.32
C LEU A 422 3.59 36.54 -17.81
N PRO A 423 2.43 36.27 -18.39
CA PRO A 423 2.40 35.70 -19.74
C PRO A 423 2.83 36.69 -20.82
N SER A 424 3.35 36.15 -21.91
CA SER A 424 3.88 36.91 -23.02
C SER A 424 3.26 36.40 -24.32
N LYS A 425 3.58 37.09 -25.42
CA LYS A 425 2.99 36.78 -26.71
C LYS A 425 3.40 35.39 -27.19
N GLU A 426 4.65 35.01 -26.97
CA GLU A 426 5.10 33.67 -27.35
C GLU A 426 4.39 32.60 -26.53
N VAL A 427 4.03 32.91 -25.29
CA VAL A 427 3.28 31.97 -24.46
C VAL A 427 1.88 31.75 -25.03
N LYS A 428 1.21 32.83 -25.43
CA LYS A 428 -0.09 32.69 -26.10
C LYS A 428 0.02 31.90 -27.40
N HIS A 429 1.08 32.16 -28.19
CA HIS A 429 1.20 31.47 -29.46
C HIS A 429 1.46 29.98 -29.27
N ALA A 430 2.31 29.63 -28.30
CA ALA A 430 2.56 28.22 -27.99
C ALA A 430 1.32 27.53 -27.45
N ARG A 431 0.55 28.21 -26.59
CA ARG A 431 -0.66 27.60 -26.05
C ARG A 431 -1.74 27.44 -27.11
N LYS A 432 -1.89 28.42 -28.00
CA LYS A 432 -2.87 28.29 -29.08
C LYS A 432 -2.49 27.17 -30.03
N THR A 433 -1.19 27.07 -30.37
CA THR A 433 -0.72 25.99 -31.22
C THR A 433 -0.94 24.64 -30.55
N LEU A 434 -0.68 24.56 -29.25
CA LEU A 434 -0.86 23.31 -28.51
C LEU A 434 -2.33 22.91 -28.47
N LYS A 435 -3.25 23.87 -28.31
CA LYS A 435 -4.67 23.55 -28.31
C LYS A 435 -5.14 23.04 -29.67
N THR A 436 -4.69 23.68 -30.76
CA THR A 436 -5.05 23.20 -32.10
C THR A 436 -4.48 21.81 -32.36
N LEU A 437 -3.24 21.57 -31.92
CA LEU A 437 -2.65 20.26 -32.07
C LEU A 437 -3.39 19.21 -31.26
N ARG A 438 -3.82 19.56 -30.03
CA ARG A 438 -4.54 18.60 -29.19
C ARG A 438 -5.89 18.24 -29.80
N ASP A 439 -6.57 19.22 -30.40
CA ASP A 439 -7.83 18.94 -31.07
C ASP A 439 -7.62 18.02 -32.28
N GLN A 440 -6.58 18.28 -33.07
CA GLN A 440 -6.26 17.43 -34.20
C GLN A 440 -5.90 16.02 -33.76
N TRP A 441 -5.17 15.89 -32.64
CA TRP A 441 -4.80 14.60 -32.10
C TRP A 441 -6.01 13.84 -31.60
N GLU A 442 -6.97 14.55 -30.99
CA GLU A 442 -8.20 13.91 -30.53
C GLU A 442 -9.01 13.34 -31.70
N LYS A 443 -9.13 14.12 -32.78
CA LYS A 443 -9.82 13.62 -33.97
C LYS A 443 -9.09 12.44 -34.60
N ALA A 444 -7.76 12.50 -34.66
CA ALA A 444 -6.98 11.40 -35.23
C ALA A 444 -7.10 10.13 -34.39
N LEU A 445 -7.07 10.27 -33.06
CA LEU A 445 -7.23 9.11 -32.19
C LEU A 445 -8.62 8.52 -32.29
N CYS A 446 -9.64 9.36 -32.45
CA CYS A 446 -10.99 8.83 -32.65
C CYS A 446 -11.11 8.05 -33.95
N ARG A 447 -10.51 8.56 -35.04
CA ARG A 447 -10.54 7.82 -36.30
C ARG A 447 -9.78 6.50 -36.20
N ALA A 448 -8.61 6.52 -35.53
CA ALA A 448 -7.84 5.30 -35.36
C ALA A 448 -8.57 4.28 -34.51
N LEU A 449 -9.25 4.74 -33.45
CA LEU A 449 -10.00 3.84 -32.59
C LEU A 449 -11.20 3.23 -33.32
N ARG A 450 -11.87 4.02 -34.17
CA ARG A 450 -12.94 3.46 -34.98
C ARG A 450 -12.43 2.41 -35.96
N GLU A 451 -11.29 2.68 -36.61
CA GLU A 451 -10.74 1.71 -37.56
C GLU A 451 -10.33 0.42 -36.86
N THR A 452 -9.72 0.55 -35.68
CA THR A 452 -9.34 -0.61 -34.87
C THR A 452 -10.56 -1.40 -34.42
N LYS A 453 -11.62 -0.72 -33.98
CA LYS A 453 -12.82 -1.41 -33.51
C LYS A 453 -13.50 -2.15 -34.65
N ASN A 454 -13.57 -1.54 -35.84
CA ASN A 454 -14.11 -2.23 -37.01
C ASN A 454 -13.27 -3.45 -37.39
N ARG A 455 -11.95 -3.33 -37.40
CA ARG A 455 -11.15 -4.48 -37.84
C ARG A 455 -11.19 -5.61 -36.81
N LEU A 456 -11.24 -5.27 -35.52
CA LEU A 456 -11.30 -6.31 -34.50
C LEU A 456 -12.69 -6.96 -34.42
N GLU A 457 -13.76 -6.19 -34.70
CA GLU A 457 -15.08 -6.79 -34.83
C GLU A 457 -15.13 -7.72 -36.04
N ARG A 458 -14.46 -7.35 -37.13
CA ARG A 458 -14.36 -8.23 -38.30
C ARG A 458 -13.58 -9.49 -37.96
N GLU A 459 -12.58 -9.37 -37.08
CA GLU A 459 -11.84 -10.56 -36.66
C GLU A 459 -12.69 -11.49 -35.81
N VAL A 460 -13.56 -10.94 -34.96
CA VAL A 460 -14.50 -11.79 -34.21
C VAL A 460 -15.45 -12.49 -35.17
N TYR A 461 -16.00 -11.76 -36.13
CA TYR A 461 -16.89 -12.39 -37.12
C TYR A 461 -16.17 -13.33 -38.07
N GLU A 462 -14.83 -13.31 -38.09
CA GLU A 462 -14.05 -14.32 -38.80
C GLU A 462 -13.69 -15.50 -37.92
N GLY A 463 -14.32 -15.62 -36.75
CA GLY A 463 -14.16 -16.78 -35.89
C GLY A 463 -12.79 -16.96 -35.25
N ARG A 464 -12.21 -15.90 -34.71
CA ARG A 464 -10.95 -16.00 -33.99
C ARG A 464 -11.01 -15.07 -32.79
N PHE A 465 -10.05 -15.21 -31.89
CA PHE A 465 -9.97 -14.33 -30.73
C PHE A 465 -9.70 -12.90 -31.17
N SER A 466 -10.30 -11.96 -30.46
CA SER A 466 -10.00 -10.56 -30.65
C SER A 466 -10.29 -9.80 -29.36
N LEU A 467 -9.74 -8.59 -29.29
CA LEU A 467 -9.91 -7.72 -28.14
C LEU A 467 -11.00 -6.68 -28.36
N TYR A 468 -11.95 -6.96 -29.25
CA TYR A 468 -13.00 -5.99 -29.56
C TYR A 468 -13.93 -5.67 -28.40
N PRO A 469 -14.45 -6.63 -27.60
CA PRO A 469 -15.21 -6.23 -26.41
C PRO A 469 -14.38 -5.51 -25.38
N PHE A 470 -13.06 -5.71 -25.37
CA PHE A 470 -12.21 -5.00 -24.42
C PHE A 470 -12.12 -3.52 -24.78
N LEU A 471 -12.20 -3.19 -26.07
CA LEU A 471 -12.36 -1.79 -26.46
C LEU A 471 -13.80 -1.32 -26.27
N CYS A 472 -14.77 -2.23 -26.36
CA CYS A 472 -16.17 -1.88 -26.12
C CYS A 472 -16.51 -1.77 -24.64
N LEU A 473 -15.55 -2.04 -23.76
CA LEU A 473 -15.77 -1.82 -22.33
C LEU A 473 -16.02 -0.35 -22.04
N LEU A 474 -15.27 0.53 -22.69
CA LEU A 474 -15.25 1.96 -22.39
C LEU A 474 -15.70 2.77 -23.60
N ASP A 475 -16.17 3.97 -23.31
CA ASP A 475 -16.59 4.89 -24.37
C ASP A 475 -15.38 5.37 -25.17
N GLU A 476 -15.63 5.70 -26.44
CA GLU A 476 -14.58 6.18 -27.32
C GLU A 476 -14.02 7.52 -26.84
N ARG A 477 -14.90 8.38 -26.33
CA ARG A 477 -14.50 9.61 -25.65
C ARG A 477 -13.49 9.33 -24.55
N GLU A 478 -13.79 8.33 -23.71
CA GLU A 478 -12.95 8.06 -22.55
C GLU A 478 -11.60 7.48 -22.96
N VAL A 479 -11.57 6.60 -23.96
CA VAL A 479 -10.31 6.00 -24.39
C VAL A 479 -9.42 7.04 -25.05
N VAL A 480 -10.01 7.93 -25.85
CA VAL A 480 -9.22 9.00 -26.47
C VAL A 480 -8.70 9.97 -25.41
N ARG A 481 -9.52 10.29 -24.41
CA ARG A 481 -9.07 11.13 -23.31
C ARG A 481 -7.95 10.45 -22.51
N MET A 482 -8.05 9.13 -22.34
CA MET A 482 -6.99 8.35 -21.71
C MET A 482 -5.68 8.48 -22.46
N LEU A 483 -5.72 8.26 -23.78
CA LEU A 483 -4.50 8.27 -24.57
C LEU A 483 -3.87 9.66 -24.58
N LEU A 484 -4.69 10.71 -24.67
CA LEU A 484 -4.16 12.07 -24.64
C LEU A 484 -3.55 12.43 -23.29
N GLN A 485 -4.20 12.03 -22.18
CA GLN A 485 -3.65 12.39 -20.88
C GLN A 485 -2.41 11.57 -20.55
N VAL A 486 -2.30 10.37 -21.11
CA VAL A 486 -1.06 9.61 -20.98
C VAL A 486 0.05 10.24 -21.81
N LEU A 487 -0.28 10.75 -23.00
CA LEU A 487 0.69 11.50 -23.80
C LEU A 487 1.14 12.78 -23.09
N GLN A 488 0.25 13.40 -22.32
CA GLN A 488 0.57 14.65 -21.65
C GLN A 488 1.64 14.46 -20.58
N ALA A 489 1.56 13.37 -19.81
CA ALA A 489 2.48 13.12 -18.71
C ALA A 489 3.70 12.30 -19.13
N LEU A 490 3.99 12.23 -20.43
CA LEU A 490 5.17 11.54 -20.90
C LEU A 490 6.43 12.28 -20.49
N PRO A 491 7.49 11.56 -20.14
CA PRO A 491 8.76 12.22 -19.81
C PRO A 491 9.37 12.92 -21.01
N ALA A 492 10.26 13.88 -20.73
CA ALA A 492 10.99 14.57 -21.79
C ALA A 492 11.86 13.58 -22.57
N GLN A 493 12.53 12.67 -21.87
CA GLN A 493 13.10 11.48 -22.45
C GLN A 493 12.19 10.34 -22.05
N GLY A 494 11.33 9.90 -22.98
CA GLY A 494 10.11 9.21 -22.62
C GLY A 494 10.31 7.80 -22.10
N GLU A 495 9.22 7.30 -21.53
CA GLU A 495 9.20 6.03 -20.83
C GLU A 495 9.25 4.88 -21.83
N SER A 496 9.68 3.71 -21.36
CA SER A 496 9.78 2.52 -22.19
C SER A 496 8.41 2.03 -22.63
N PHE A 497 8.43 1.16 -23.65
CA PHE A 497 7.20 0.68 -24.27
C PHE A 497 6.39 -0.21 -23.33
N THR A 498 7.06 -1.12 -22.62
CA THR A 498 6.36 -2.12 -21.82
C THR A 498 5.71 -1.50 -20.59
N THR A 499 6.41 -0.59 -19.90
CA THR A 499 5.84 0.09 -18.75
C THR A 499 4.65 0.95 -19.13
N LEU A 500 4.74 1.66 -20.25
CA LEU A 500 3.64 2.47 -20.74
C LEU A 500 2.44 1.61 -21.14
N ALA A 501 2.70 0.46 -21.76
CA ALA A 501 1.62 -0.46 -22.13
C ALA A 501 0.92 -1.02 -20.91
N ARG A 502 1.69 -1.44 -19.90
CA ARG A 502 1.10 -1.97 -18.68
C ARG A 502 0.31 -0.90 -17.95
N GLU A 503 0.80 0.35 -17.98
CA GLU A 503 0.05 1.46 -17.39
C GLU A 503 -1.26 1.70 -18.12
N LEU A 504 -1.24 1.65 -19.46
CA LEU A 504 -2.47 1.84 -20.23
C LEU A 504 -3.51 0.76 -19.92
N SER A 505 -3.07 -0.49 -19.83
CA SER A 505 -4.02 -1.56 -19.54
C SER A 505 -4.56 -1.50 -18.12
N ALA A 506 -3.70 -1.21 -17.14
CA ALA A 506 -4.17 -1.10 -15.75
C ALA A 506 -5.11 0.08 -15.59
N ARG A 507 -4.83 1.17 -16.28
CA ARG A 507 -5.70 2.34 -16.25
C ARG A 507 -7.04 2.05 -16.92
N THR A 508 -7.02 1.26 -18.00
CA THR A 508 -8.25 0.83 -18.64
C THR A 508 -9.10 -0.03 -17.71
N PHE A 509 -8.47 -0.94 -16.98
CA PHE A 509 -9.19 -1.75 -16.00
C PHE A 509 -9.76 -0.91 -14.86
N SER A 510 -8.99 0.08 -14.41
CA SER A 510 -9.46 0.97 -13.34
C SER A 510 -10.67 1.77 -13.77
N ARG A 511 -10.69 2.23 -15.02
CA ARG A 511 -11.90 2.88 -15.53
C ARG A 511 -13.06 1.91 -15.75
N HIS A 512 -12.75 0.66 -16.15
CA HIS A 512 -13.80 -0.31 -16.42
C HIS A 512 -14.56 -0.69 -15.16
N VAL A 513 -13.84 -0.85 -14.03
CA VAL A 513 -14.52 -1.18 -12.78
C VAL A 513 -15.50 -0.08 -12.38
N VAL A 514 -15.07 1.19 -12.50
CA VAL A 514 -15.92 2.32 -12.13
C VAL A 514 -17.11 2.43 -13.07
N GLN A 515 -16.89 2.21 -14.37
CA GLN A 515 -17.99 2.25 -15.33
C GLN A 515 -19.00 1.13 -15.08
N ARG A 516 -18.50 -0.07 -14.74
CA ARG A 516 -19.39 -1.19 -14.43
C ARG A 516 -20.22 -0.89 -13.19
N GLN A 517 -19.63 -0.23 -12.20
CA GLN A 517 -20.42 0.11 -11.02
C GLN A 517 -21.42 1.23 -11.30
N ARG A 518 -21.13 2.13 -12.26
CA ARG A 518 -22.14 3.11 -12.64
C ARG A 518 -23.32 2.45 -13.35
N VAL A 519 -23.03 1.57 -14.32
CA VAL A 519 -24.10 0.98 -15.11
C VAL A 519 -24.91 -0.01 -14.28
N SER A 520 -24.23 -0.82 -13.46
CA SER A 520 -24.90 -1.86 -12.69
C SER A 520 -25.74 -1.34 -11.54
N GLY A 521 -25.61 -0.06 -11.18
CA GLY A 521 -26.41 0.50 -10.10
C GLY A 521 -25.82 0.34 -8.72
N GLN A 522 -24.59 -0.17 -8.60
CA GLN A 522 -23.97 -0.32 -7.29
C GLN A 522 -23.54 1.01 -6.69
N VAL A 523 -23.42 2.06 -7.51
CA VAL A 523 -23.03 3.35 -6.98
C VAL A 523 -24.13 3.95 -6.12
N GLN A 524 -25.39 3.81 -6.54
CA GLN A 524 -26.51 4.29 -5.73
C GLN A 524 -26.66 3.48 -4.44
N ALA A 525 -26.42 2.18 -4.51
CA ALA A 525 -26.43 1.35 -3.31
C ALA A 525 -25.34 1.76 -2.33
N LEU A 526 -24.14 2.02 -2.86
CA LEU A 526 -23.04 2.50 -2.03
C LEU A 526 -23.36 3.87 -1.44
N GLN A 527 -24.04 4.72 -2.21
CA GLN A 527 -24.45 6.04 -1.75
C GLN A 527 -25.40 5.93 -0.56
N ASN A 528 -26.43 5.10 -0.69
CA ASN A 528 -27.40 4.90 0.38
C ASN A 528 -26.75 4.32 1.62
N HIS A 529 -25.93 3.29 1.44
CA HIS A 529 -25.28 2.63 2.58
C HIS A 529 -24.28 3.56 3.25
N TYR A 530 -23.57 4.37 2.49
CA TYR A 530 -22.58 5.28 3.08
C TYR A 530 -23.26 6.40 3.84
N ARG A 531 -24.39 6.90 3.33
CA ARG A 531 -25.14 7.91 4.08
C ARG A 531 -25.74 7.32 5.36
N LYS A 532 -26.09 6.04 5.37
CA LYS A 532 -26.50 5.43 6.64
C LYS A 532 -25.29 5.12 7.52
N TYR A 533 -24.12 4.92 6.90
CA TYR A 533 -22.92 4.54 7.64
C TYR A 533 -22.30 5.71 8.37
N LEU A 534 -22.41 6.93 7.82
CA LEU A 534 -21.74 8.07 8.40
C LEU A 534 -22.30 8.51 9.75
N CYS A 535 -23.43 7.94 10.19
CA CYS A 535 -23.98 8.30 11.49
C CYS A 535 -23.07 7.89 12.64
N LEU A 536 -22.25 6.87 12.43
CA LEU A 536 -21.31 6.43 13.46
C LEU A 536 -20.14 7.41 13.59
N LEU A 537 -19.71 8.01 12.48
CA LEU A 537 -18.52 8.85 12.49
C LEU A 537 -18.83 10.32 12.71
N ALA A 538 -20.05 10.76 12.39
CA ALA A 538 -20.37 12.17 12.41
C ALA A 538 -20.46 12.70 13.83
N SER A 539 -20.26 14.02 13.98
CA SER A 539 -20.33 14.64 15.29
C SER A 539 -21.78 14.77 15.76
N ASP A 540 -22.69 15.09 14.85
CA ASP A 540 -24.07 15.40 15.20
C ASP A 540 -25.04 14.25 14.95
N ALA A 541 -24.57 13.02 14.99
CA ALA A 541 -25.40 11.85 14.75
C ALA A 541 -25.09 10.79 15.79
N GLU A 542 -26.05 9.89 16.01
CA GLU A 542 -25.91 8.85 17.02
C GLU A 542 -26.45 7.53 16.50
N VAL A 543 -25.76 6.45 16.83
CA VAL A 543 -26.15 5.07 16.50
C VAL A 543 -26.84 4.49 17.73
N PRO A 544 -27.87 3.65 17.59
CA PRO A 544 -28.51 3.05 18.79
C PRO A 544 -27.59 2.22 19.66
N GLU A 545 -26.75 1.35 19.09
CA GLU A 545 -25.71 0.69 19.86
C GLU A 545 -24.35 0.98 19.25
N PRO A 546 -23.40 1.53 20.01
CA PRO A 546 -22.09 1.88 19.42
C PRO A 546 -21.29 0.62 19.11
N CYS A 547 -20.78 0.57 17.88
CA CYS A 547 -20.09 -0.62 17.38
C CYS A 547 -18.82 -0.19 16.66
N LEU A 548 -18.02 -1.18 16.30
CA LEU A 548 -16.88 -0.94 15.44
C LEU A 548 -17.36 -0.63 14.02
N PRO A 549 -16.55 0.09 13.22
CA PRO A 549 -16.98 0.45 11.86
C PRO A 549 -17.35 -0.71 10.95
N ARG A 550 -16.63 -1.83 11.00
CA ARG A 550 -17.05 -2.97 10.17
C ARG A 550 -18.30 -3.63 10.75
N GLN A 551 -18.45 -3.60 12.08
CA GLN A 551 -19.66 -4.17 12.69
C GLN A 551 -20.90 -3.34 12.34
N TYR A 552 -20.77 -2.00 12.31
CA TYR A 552 -21.88 -1.19 11.83
C TYR A 552 -22.08 -1.30 10.33
N TRP A 553 -21.00 -1.58 9.59
CA TRP A 553 -21.13 -1.79 8.15
C TRP A 553 -21.87 -3.08 7.84
N GLU A 554 -21.74 -4.09 8.70
CA GLU A 554 -22.51 -5.31 8.51
C GLU A 554 -23.90 -5.24 9.14
N GLU A 555 -24.07 -4.44 10.20
CA GLU A 555 -25.38 -4.30 10.82
C GLU A 555 -26.38 -3.66 9.88
N LEU A 556 -25.94 -2.63 9.16
CA LEU A 556 -26.68 -2.10 8.01
C LEU A 556 -26.40 -3.03 6.84
N GLY A 557 -27.42 -3.75 6.37
CA GLY A 557 -27.26 -4.82 5.39
C GLY A 557 -26.52 -4.44 4.13
N ALA A 558 -25.34 -4.95 4.01
CA ALA A 558 -24.32 -4.53 3.06
C ALA A 558 -24.57 -5.13 1.69
N PRO A 559 -24.31 -4.37 0.63
CA PRO A 559 -24.41 -4.94 -0.72
C PRO A 559 -23.20 -5.81 -1.02
N GLU A 560 -23.36 -6.65 -2.03
CA GLU A 560 -22.21 -7.38 -2.55
C GLU A 560 -21.27 -6.41 -3.24
N ALA A 561 -19.97 -6.56 -2.98
CA ALA A 561 -18.98 -5.69 -3.61
C ALA A 561 -18.95 -5.91 -5.12
N LEU A 562 -18.79 -7.17 -5.54
CA LEU A 562 -18.90 -7.60 -6.94
C LEU A 562 -17.94 -6.86 -7.87
N ARG A 563 -16.77 -6.49 -7.35
CA ARG A 563 -15.75 -5.90 -8.19
C ARG A 563 -15.13 -6.97 -9.07
N GLU A 564 -14.82 -6.59 -10.31
CA GLU A 564 -14.37 -7.57 -11.29
C GLU A 564 -12.96 -8.05 -10.99
N GLN A 565 -12.77 -9.37 -11.06
CA GLN A 565 -11.45 -9.95 -10.92
C GLN A 565 -10.57 -9.54 -12.11
N PRO A 566 -9.27 -9.36 -11.88
CA PRO A 566 -8.40 -8.88 -12.96
C PRO A 566 -8.25 -9.90 -14.08
N TRP A 567 -8.00 -9.37 -15.28
CA TRP A 567 -7.88 -10.20 -16.47
C TRP A 567 -6.60 -11.01 -16.43
N PRO A 568 -6.52 -12.07 -17.23
CA PRO A 568 -5.22 -12.73 -17.43
C PRO A 568 -4.19 -11.77 -18.01
N LEU A 569 -2.94 -11.99 -17.59
CA LEU A 569 -1.83 -11.12 -17.99
C LEU A 569 -1.60 -11.02 -19.50
N PRO A 570 -1.69 -12.10 -20.31
CA PRO A 570 -1.57 -11.91 -21.77
C PRO A 570 -2.58 -10.94 -22.38
N VAL A 571 -3.83 -10.99 -21.94
CA VAL A 571 -4.86 -10.07 -22.45
C VAL A 571 -4.50 -8.64 -22.10
N GLN A 572 -4.03 -8.43 -20.86
CA GLN A 572 -3.64 -7.11 -20.38
C GLN A 572 -2.47 -6.56 -21.20
N MET A 573 -1.47 -7.42 -21.47
CA MET A 573 -0.31 -6.98 -22.24
C MET A 573 -0.68 -6.65 -23.68
N GLU A 574 -1.51 -7.49 -24.32
CA GLU A 574 -1.92 -7.21 -25.69
C GLU A 574 -2.74 -5.92 -25.79
N LEU A 575 -3.61 -5.68 -24.81
CA LEU A 575 -4.38 -4.44 -24.79
C LEU A 575 -3.48 -3.22 -24.65
N GLY A 576 -2.48 -3.31 -23.78
CA GLY A 576 -1.55 -2.19 -23.61
C GLY A 576 -0.73 -1.91 -24.84
N LYS A 577 -0.19 -2.94 -25.48
CA LYS A 577 0.60 -2.73 -26.69
C LYS A 577 -0.27 -2.20 -27.82
N LEU A 578 -1.52 -2.66 -27.92
CA LEU A 578 -2.42 -2.14 -28.96
C LEU A 578 -2.71 -0.66 -28.75
N LEU A 579 -2.98 -0.25 -27.51
CA LEU A 579 -3.27 1.15 -27.23
C LEU A 579 -2.02 2.02 -27.44
N ALA A 580 -0.85 1.53 -27.05
CA ALA A 580 0.38 2.30 -27.23
C ALA A 580 0.73 2.46 -28.69
N GLU A 581 0.59 1.40 -29.49
CA GLU A 581 0.85 1.51 -30.93
C GLU A 581 -0.18 2.40 -31.61
N MET A 582 -1.42 2.41 -31.09
CA MET A 582 -2.42 3.34 -31.57
C MET A 582 -2.00 4.79 -31.34
N LEU A 583 -1.49 5.08 -30.13
CA LEU A 583 -1.05 6.44 -29.82
C LEU A 583 0.16 6.84 -30.65
N VAL A 584 1.08 5.90 -30.89
CA VAL A 584 2.25 6.19 -31.74
C VAL A 584 1.82 6.48 -33.17
N GLN A 585 0.92 5.66 -33.72
CA GLN A 585 0.55 5.78 -35.12
C GLN A 585 -0.33 6.99 -35.38
N ALA A 586 -1.25 7.31 -34.48
CA ALA A 586 -2.31 8.26 -34.81
C ALA A 586 -1.85 9.72 -34.71
N THR A 587 -1.30 10.10 -33.56
CA THR A 587 -0.99 11.50 -33.30
C THR A 587 0.24 11.96 -34.07
N GLN A 588 0.12 13.11 -34.75
CA GLN A 588 1.15 13.65 -35.62
C GLN A 588 1.11 15.18 -35.57
N MET A 589 2.20 15.80 -35.98
CA MET A 589 2.32 17.25 -35.96
C MET A 589 3.02 17.72 -37.22
N PRO A 590 2.84 18.99 -37.60
CA PRO A 590 3.73 19.57 -38.62
C PRO A 590 5.14 19.73 -38.11
N CYS A 591 6.10 19.72 -39.04
CA CYS A 591 7.50 19.52 -38.69
C CYS A 591 8.11 20.75 -38.03
N SER A 592 7.85 21.94 -38.57
CA SER A 592 8.53 23.16 -38.15
C SER A 592 7.52 24.15 -37.60
N LEU A 593 7.78 24.66 -36.39
CA LEU A 593 6.95 25.71 -35.83
C LEU A 593 7.61 27.08 -35.97
N ASP A 594 8.94 27.12 -35.93
CA ASP A 594 9.66 28.39 -35.99
C ASP A 594 9.47 29.07 -37.35
N LYS A 595 9.50 28.29 -38.43
CA LYS A 595 9.22 28.83 -39.76
C LYS A 595 7.84 28.37 -40.21
N PRO A 596 6.89 29.29 -40.39
CA PRO A 596 5.51 28.89 -40.77
C PRO A 596 5.32 28.82 -42.28
N HIS A 597 5.98 27.85 -42.91
CA HIS A 597 5.81 27.65 -44.34
C HIS A 597 4.48 26.97 -44.64
N ARG A 598 4.05 27.09 -45.89
CA ARG A 598 2.80 26.46 -46.31
C ARG A 598 2.94 24.94 -46.41
N SER A 599 4.14 24.45 -46.66
CA SER A 599 4.42 23.03 -46.76
C SER A 599 5.17 22.58 -45.52
N SER A 600 4.51 21.80 -44.67
CA SER A 600 5.11 21.27 -43.45
C SER A 600 4.94 19.77 -43.44
N ARG A 601 6.01 19.06 -43.08
CA ARG A 601 5.99 17.61 -43.11
C ARG A 601 5.17 17.04 -41.97
N LEU A 602 4.32 16.06 -42.28
CA LEU A 602 3.51 15.38 -41.26
C LEU A 602 4.41 14.40 -40.53
N VAL A 603 4.92 14.81 -39.37
CA VAL A 603 5.96 14.06 -38.67
C VAL A 603 5.34 13.48 -37.39
N PRO A 604 5.73 12.27 -36.98
CA PRO A 604 5.17 11.71 -35.74
C PRO A 604 5.61 12.46 -34.50
N VAL A 605 4.79 12.38 -33.45
CA VAL A 605 5.11 13.00 -32.18
C VAL A 605 5.94 12.07 -31.30
N LEU A 606 5.79 10.75 -31.46
CA LEU A 606 6.51 9.78 -30.65
C LEU A 606 7.25 8.80 -31.55
N TYR A 607 8.43 8.39 -31.10
CA TYR A 607 9.28 7.51 -31.90
C TYR A 607 9.67 6.28 -31.09
N HIS A 608 9.78 5.15 -31.79
CA HIS A 608 10.20 3.89 -31.20
C HIS A 608 11.68 3.71 -31.50
N VAL A 609 12.50 3.70 -30.45
CA VAL A 609 13.95 3.51 -30.59
C VAL A 609 14.38 2.39 -29.65
N TYR A 610 15.50 1.75 -29.96
CA TYR A 610 16.06 0.74 -29.09
C TYR A 610 17.21 1.32 -28.28
N SER A 611 17.57 0.61 -27.20
CA SER A 611 18.62 1.03 -26.29
C SER A 611 19.81 0.08 -26.42
N PHE A 612 20.99 0.64 -26.67
CA PHE A 612 22.17 -0.17 -26.98
C PHE A 612 22.98 -0.51 -25.73
N ARG A 613 22.87 0.29 -24.67
CA ARG A 613 23.75 0.14 -23.52
C ARG A 613 23.44 -1.11 -22.72
N ASN A 614 22.17 -1.36 -22.44
CA ASN A 614 21.78 -2.47 -21.58
C ASN A 614 21.99 -3.82 -22.28
N VAL A 615 21.99 -4.87 -21.47
CA VAL A 615 22.23 -6.23 -21.99
C VAL A 615 21.07 -6.69 -22.86
N GLN A 616 19.85 -6.51 -22.36
CA GLN A 616 18.64 -6.85 -23.12
C GLN A 616 18.02 -5.57 -23.64
N GLN A 617 17.87 -5.48 -24.96
CA GLN A 617 17.44 -4.24 -25.59
C GLN A 617 15.97 -3.98 -25.30
N ILE A 618 15.66 -2.73 -24.95
CA ILE A 618 14.31 -2.32 -24.58
C ILE A 618 13.86 -1.22 -25.52
N GLY A 619 12.56 -1.21 -25.83
CA GLY A 619 12.02 -0.14 -26.66
C GLY A 619 11.70 1.08 -25.81
N ILE A 620 12.05 2.25 -26.35
CA ILE A 620 11.84 3.52 -25.69
C ILE A 620 11.08 4.43 -26.65
N LEU A 621 10.04 5.08 -26.14
CA LEU A 621 9.27 6.04 -26.93
C LEU A 621 9.75 7.45 -26.62
N LYS A 622 10.31 8.09 -27.62
CA LYS A 622 10.84 9.44 -27.43
C LYS A 622 9.87 10.46 -27.99
N PRO A 623 9.69 11.59 -27.31
CA PRO A 623 8.98 12.72 -27.92
C PRO A 623 9.78 13.28 -29.09
N HIS A 624 9.06 13.84 -30.05
CA HIS A 624 9.71 14.60 -31.10
C HIS A 624 10.33 15.85 -30.48
N PRO A 625 11.56 16.22 -30.87
CA PRO A 625 12.30 17.26 -30.12
C PRO A 625 11.64 18.63 -30.10
N ALA A 626 10.79 18.97 -31.06
CA ALA A 626 10.11 20.26 -31.02
C ALA A 626 9.07 20.31 -29.90
N TYR A 627 8.40 19.18 -29.66
CA TYR A 627 7.36 19.09 -28.63
C TYR A 627 7.93 19.43 -27.24
N VAL A 628 9.20 19.10 -27.00
CA VAL A 628 9.84 19.43 -25.73
C VAL A 628 9.91 20.95 -25.55
N GLN A 629 10.32 21.66 -26.60
CA GLN A 629 10.39 23.13 -26.51
C GLN A 629 9.01 23.76 -26.42
N LEU A 630 8.02 23.18 -27.10
CA LEU A 630 6.65 23.68 -26.94
C LEU A 630 6.14 23.48 -25.52
N LEU A 631 6.45 22.34 -24.90
CA LEU A 631 6.02 22.12 -23.53
C LEU A 631 6.76 23.02 -22.55
N GLU A 632 8.02 23.36 -22.86
CA GLU A 632 8.77 24.27 -22.01
C GLU A 632 8.25 25.70 -22.14
N LYS A 633 8.02 26.16 -23.37
CA LYS A 633 7.61 27.55 -23.57
C LYS A 633 6.15 27.77 -23.21
N ALA A 634 5.31 26.76 -23.41
CA ALA A 634 3.90 26.86 -23.03
C ALA A 634 3.75 26.96 -21.52
N ALA A 635 4.51 26.15 -20.78
CA ALA A 635 4.60 26.17 -19.31
C ALA A 635 3.21 26.02 -18.68
N GLU A 636 2.59 24.89 -18.95
CA GLU A 636 1.25 24.63 -18.45
C GLU A 636 1.28 24.49 -16.93
N PRO A 637 0.45 25.23 -16.20
CA PRO A 637 0.52 25.21 -14.73
C PRO A 637 -0.19 24.03 -14.08
N THR A 638 -0.55 23.00 -14.83
CA THR A 638 -1.38 21.93 -14.32
C THR A 638 -0.67 20.59 -14.42
N LEU A 639 -0.61 19.89 -13.29
CA LEU A 639 -0.18 18.52 -13.17
C LEU A 639 -1.41 17.65 -13.04
N THR A 640 -1.30 16.37 -13.37
CA THR A 640 -2.45 15.48 -13.33
C THR A 640 -2.09 14.21 -12.58
N PHE A 641 -2.92 13.85 -11.60
CA PHE A 641 -2.74 12.69 -10.75
C PHE A 641 -3.86 11.70 -11.02
N GLU A 642 -3.62 10.43 -10.69
CA GLU A 642 -4.76 9.53 -10.66
C GLU A 642 -5.41 9.56 -9.28
N ALA A 643 -6.65 9.06 -9.21
CA ALA A 643 -7.46 9.25 -8.02
C ALA A 643 -6.95 8.41 -6.84
N VAL A 644 -6.29 7.29 -7.13
CA VAL A 644 -5.83 6.42 -6.06
C VAL A 644 -4.49 6.87 -5.49
N ASP A 645 -3.75 7.74 -6.18
CA ASP A 645 -2.52 8.29 -5.65
C ASP A 645 -2.72 9.58 -4.88
N VAL A 646 -3.96 9.93 -4.57
CA VAL A 646 -4.25 11.18 -3.87
C VAL A 646 -5.03 10.76 -2.63
N PRO A 647 -4.87 11.43 -1.48
CA PRO A 647 -5.71 11.15 -0.31
C PRO A 647 -7.19 11.34 -0.58
N MET A 648 -8.00 10.49 0.06
CA MET A 648 -9.44 10.55 -0.11
C MET A 648 -10.03 11.77 0.56
N LEU A 649 -11.10 12.32 -0.04
CA LEU A 649 -11.76 13.48 0.51
C LEU A 649 -12.90 13.12 1.47
N CYS A 650 -13.23 11.83 1.58
CA CYS A 650 -14.21 11.30 2.51
C CYS A 650 -13.53 10.20 3.31
N PRO A 651 -14.09 9.79 4.45
CA PRO A 651 -13.54 8.63 5.16
C PRO A 651 -13.62 7.38 4.30
N PRO A 652 -12.59 6.54 4.35
CA PRO A 652 -12.57 5.37 3.47
C PRO A 652 -13.55 4.30 3.90
N LEU A 653 -13.80 3.37 2.98
CA LEU A 653 -14.68 2.25 3.28
C LEU A 653 -14.02 1.35 4.32
N PRO A 654 -14.79 0.79 5.24
CA PRO A 654 -14.22 -0.14 6.22
C PRO A 654 -13.71 -1.41 5.58
N TRP A 655 -12.65 -1.96 6.16
CA TRP A 655 -12.10 -3.25 5.73
C TRP A 655 -12.97 -4.34 6.33
N THR A 656 -13.90 -4.86 5.53
CA THR A 656 -14.79 -5.91 5.99
C THR A 656 -14.41 -7.29 5.47
N SER A 657 -13.53 -7.35 4.49
CA SER A 657 -13.07 -8.61 3.91
C SER A 657 -11.71 -8.35 3.29
N PRO A 658 -11.02 -9.40 2.83
CA PRO A 658 -9.84 -9.17 1.99
C PRO A 658 -10.15 -8.48 0.67
N HIS A 659 -11.41 -8.46 0.24
CA HIS A 659 -11.79 -7.89 -1.05
C HIS A 659 -12.35 -6.48 -0.96
N SER A 660 -12.89 -6.08 0.17
CA SER A 660 -13.61 -4.83 0.30
C SER A 660 -12.94 -3.93 1.33
N GLY A 661 -12.81 -2.66 0.98
CA GLY A 661 -12.23 -1.67 1.88
C GLY A 661 -11.53 -0.59 1.09
N ALA A 662 -10.92 0.34 1.84
CA ALA A 662 -10.05 1.41 1.34
C ALA A 662 -10.86 2.33 0.43
N PHE A 663 -10.59 2.36 -0.88
CA PHE A 663 -11.21 3.34 -1.75
C PHE A 663 -12.65 2.96 -2.06
N LEU A 664 -13.38 3.93 -2.65
CA LEU A 664 -14.81 3.75 -2.88
C LEU A 664 -15.08 2.78 -4.01
N LEU A 665 -14.56 3.07 -5.20
CA LEU A 665 -14.88 2.29 -6.39
C LEU A 665 -13.72 1.48 -6.94
N SER A 666 -12.50 1.72 -6.48
CA SER A 666 -11.37 0.98 -7.01
C SER A 666 -10.93 -0.10 -6.04
N PRO A 667 -10.53 -1.28 -6.53
CA PRO A 667 -10.14 -2.35 -5.62
C PRO A 667 -8.72 -2.16 -5.10
N THR A 668 -8.55 -2.41 -3.80
CA THR A 668 -7.27 -2.32 -3.13
C THR A 668 -6.94 -3.67 -2.52
N LYS A 669 -5.68 -4.09 -2.66
CA LYS A 669 -5.23 -5.33 -2.07
C LYS A 669 -5.24 -5.23 -0.54
N LEU A 670 -5.34 -6.38 0.11
CA LEU A 670 -5.17 -6.43 1.56
C LEU A 670 -3.70 -6.51 1.93
N MET A 671 -2.90 -7.19 1.11
CA MET A 671 -1.48 -7.38 1.34
C MET A 671 -0.71 -6.89 0.12
N ARG A 672 0.23 -5.97 0.34
CA ARG A 672 1.05 -5.46 -0.74
C ARG A 672 2.00 -6.54 -1.23
N THR A 673 1.87 -6.92 -2.50
CA THR A 673 2.74 -7.92 -3.08
C THR A 673 3.23 -7.44 -4.45
N VAL A 674 4.48 -7.73 -4.75
CA VAL A 674 5.01 -7.46 -6.09
C VAL A 674 4.75 -8.66 -6.98
N GLU A 675 4.88 -8.44 -8.30
CA GLU A 675 4.80 -9.41 -9.39
C GLU A 675 3.57 -10.32 -9.36
N GLY A 676 2.52 -9.90 -8.65
CA GLY A 676 1.28 -10.66 -8.60
C GLY A 676 1.36 -11.99 -7.89
N ALA A 677 2.07 -12.05 -6.76
CA ALA A 677 2.08 -13.28 -5.96
C ALA A 677 0.74 -13.44 -5.25
N THR A 678 0.13 -14.61 -5.40
CA THR A 678 -1.23 -14.83 -4.96
C THR A 678 -1.35 -15.71 -3.72
N GLN A 679 -0.23 -16.24 -3.21
CA GLN A 679 -0.32 -17.15 -2.08
C GLN A 679 -0.61 -16.42 -0.78
N HIS A 680 -0.24 -15.14 -0.67
CA HIS A 680 -0.65 -14.34 0.46
C HIS A 680 -2.17 -14.21 0.52
N GLN A 681 -2.76 -13.80 -0.61
CA GLN A 681 -4.19 -13.62 -0.69
C GLN A 681 -4.92 -14.95 -0.55
N GLU A 682 -4.32 -16.03 -1.03
CA GLU A 682 -4.90 -17.35 -0.87
C GLU A 682 -4.90 -17.77 0.59
N LEU A 683 -3.85 -17.44 1.34
CA LEU A 683 -3.86 -17.72 2.77
C LEU A 683 -4.90 -16.87 3.50
N LEU A 684 -5.09 -15.62 3.07
CA LEU A 684 -6.08 -14.78 3.72
C LEU A 684 -7.51 -15.20 3.40
N GLU A 685 -7.74 -15.81 2.24
CA GLU A 685 -9.09 -16.26 1.91
C GLU A 685 -9.47 -17.56 2.62
N THR A 686 -8.54 -18.50 2.73
CA THR A 686 -8.85 -19.82 3.27
C THR A 686 -8.67 -19.93 4.78
N CYS A 687 -8.39 -18.82 5.45
CA CYS A 687 -8.37 -18.81 6.91
C CYS A 687 -9.79 -18.78 7.45
N PRO A 688 -9.99 -19.13 8.72
CA PRO A 688 -11.27 -18.83 9.38
C PRO A 688 -11.56 -17.35 9.36
N PRO A 689 -12.81 -16.95 9.10
CA PRO A 689 -13.10 -15.53 8.84
C PRO A 689 -12.92 -14.62 10.03
N THR A 690 -13.06 -15.14 11.25
CA THR A 690 -12.89 -14.31 12.44
C THR A 690 -11.42 -14.06 12.78
N ALA A 691 -10.49 -14.69 12.05
CA ALA A 691 -9.07 -14.53 12.38
C ALA A 691 -8.54 -13.18 11.94
N LEU A 692 -9.02 -12.66 10.81
CA LEU A 692 -8.50 -11.42 10.26
C LEU A 692 -9.11 -10.17 10.89
N HIS A 693 -10.13 -10.35 11.73
CA HIS A 693 -10.98 -9.24 12.19
C HIS A 693 -10.18 -8.13 12.83
N GLY A 694 -9.35 -8.47 13.82
CA GLY A 694 -8.51 -7.46 14.47
C GLY A 694 -7.61 -6.74 13.48
N ALA A 695 -7.00 -7.50 12.56
CA ALA A 695 -6.19 -6.91 11.51
C ALA A 695 -7.01 -5.93 10.68
N LEU A 696 -8.20 -6.37 10.25
CA LEU A 696 -9.09 -5.50 9.49
C LEU A 696 -9.44 -4.27 10.29
N ASP A 697 -9.74 -4.46 11.58
CA ASP A 697 -10.10 -3.36 12.45
C ASP A 697 -8.97 -2.35 12.53
N ALA A 698 -7.73 -2.85 12.68
CA ALA A 698 -6.59 -1.97 12.79
C ALA A 698 -6.44 -1.14 11.53
N LEU A 699 -6.62 -1.77 10.37
CA LEU A 699 -6.49 -1.06 9.11
C LEU A 699 -7.57 0.01 9.00
N THR A 700 -8.80 -0.33 9.41
CA THR A 700 -9.87 0.66 9.37
C THR A 700 -9.58 1.79 10.35
N GLN A 701 -8.97 1.45 11.48
CA GLN A 701 -8.61 2.45 12.47
C GLN A 701 -7.54 3.38 11.92
N LEU A 702 -6.66 2.84 11.06
CA LEU A 702 -5.61 3.67 10.50
C LEU A 702 -6.14 4.48 9.31
N GLY A 703 -7.31 4.10 8.79
CA GLY A 703 -7.89 4.84 7.70
C GLY A 703 -8.74 6.01 8.17
N ASN A 704 -9.38 5.87 9.33
CA ASN A 704 -10.36 6.84 9.79
C ASN A 704 -9.73 8.08 10.41
N CYS A 705 -8.41 8.12 10.53
CA CYS A 705 -7.76 9.34 11.00
C CYS A 705 -7.90 10.45 9.97
N ALA A 706 -8.33 11.61 10.43
CA ALA A 706 -8.53 12.76 9.56
C ALA A 706 -7.32 13.68 9.63
N TRP A 707 -6.83 14.08 8.46
CA TRP A 707 -5.60 14.85 8.34
C TRP A 707 -5.89 16.21 7.74
N ARG A 708 -4.93 17.11 7.90
CA ARG A 708 -4.95 18.41 7.24
C ARG A 708 -3.51 18.91 7.08
N VAL A 709 -3.35 19.97 6.27
CA VAL A 709 -2.04 20.49 5.90
C VAL A 709 -1.74 21.72 6.73
N ASN A 710 -0.54 21.77 7.30
CA ASN A 710 -0.06 22.95 8.01
C ASN A 710 0.22 24.05 6.98
N GLY A 711 -0.29 25.25 7.25
CA GLY A 711 -0.22 26.32 6.25
C GLY A 711 1.08 27.11 6.29
N ARG A 712 1.56 27.42 7.49
CA ARG A 712 2.79 28.22 7.63
C ARG A 712 3.99 27.47 7.07
N VAL A 713 4.10 26.18 7.37
CA VAL A 713 5.19 25.38 6.85
C VAL A 713 5.10 25.29 5.32
N LEU A 714 3.88 25.21 4.81
CA LEU A 714 3.68 25.19 3.37
C LEU A 714 4.14 26.48 2.71
N ASP A 715 3.83 27.64 3.34
CA ASP A 715 4.28 28.91 2.79
C ASP A 715 5.80 29.03 2.81
N LEU A 716 6.43 28.59 3.90
CA LEU A 716 7.90 28.65 3.97
C LEU A 716 8.57 27.74 2.96
N VAL A 717 8.06 26.51 2.81
CA VAL A 717 8.67 25.58 1.88
C VAL A 717 8.45 26.03 0.44
N LEU A 718 7.28 26.62 0.15
CA LEU A 718 7.03 27.15 -1.19
C LEU A 718 7.87 28.39 -1.47
N GLN A 719 8.13 29.21 -0.45
CA GLN A 719 9.05 30.34 -0.61
C GLN A 719 10.45 29.88 -0.97
N LEU A 720 10.93 28.82 -0.29
CA LEU A 720 12.26 28.30 -0.62
C LEU A 720 12.25 27.59 -1.97
N PHE A 721 11.14 26.95 -2.32
CA PHE A 721 11.05 26.13 -3.52
C PHE A 721 11.00 26.98 -4.78
N GLN A 722 10.14 28.00 -4.79
CA GLN A 722 9.99 28.83 -5.98
C GLN A 722 11.20 29.74 -6.19
N ALA A 723 11.79 30.20 -5.10
CA ALA A 723 13.07 30.91 -5.15
C ALA A 723 14.22 29.91 -5.20
N LYS A 724 15.41 30.39 -4.87
CA LYS A 724 16.59 29.54 -4.81
C LYS A 724 16.37 28.48 -3.73
N GLY A 725 16.44 27.21 -4.12
CA GLY A 725 16.14 26.13 -3.19
C GLY A 725 17.21 25.98 -2.11
N CYS A 726 16.82 25.32 -1.01
CA CYS A 726 17.72 25.10 0.10
C CYS A 726 17.97 23.60 0.27
N PRO A 727 19.01 23.04 -0.35
CA PRO A 727 19.21 21.58 -0.26
C PRO A 727 19.63 21.09 1.11
N GLN A 728 20.09 21.97 2.00
CA GLN A 728 20.40 21.56 3.37
C GLN A 728 19.14 21.17 4.12
N LEU A 729 18.03 21.83 3.83
CA LEU A 729 16.79 21.65 4.55
C LEU A 729 15.85 20.67 3.89
N GLY A 730 16.27 20.02 2.81
CA GLY A 730 15.47 19.05 2.11
C GLY A 730 14.77 19.58 0.88
N VAL A 731 14.71 20.89 0.70
CA VAL A 731 14.07 21.50 -0.46
C VAL A 731 15.04 21.44 -1.64
N PRO A 732 14.67 20.78 -2.74
CA PRO A 732 15.57 20.70 -3.89
C PRO A 732 15.74 22.05 -4.58
N ALA A 733 16.92 22.22 -5.18
CA ALA A 733 17.29 23.42 -5.89
C ALA A 733 16.76 23.38 -7.32
N PRO A 734 16.63 24.53 -7.98
CA PRO A 734 16.07 24.56 -9.36
C PRO A 734 16.94 23.82 -10.37
N PRO A 735 16.47 23.67 -11.62
CA PRO A 735 17.34 23.06 -12.65
C PRO A 735 18.63 23.81 -12.92
N SER A 736 18.70 25.10 -12.59
CA SER A 736 19.96 25.83 -12.63
C SER A 736 20.75 25.50 -11.35
N GLU A 737 21.77 26.31 -11.06
CA GLU A 737 22.67 26.21 -9.92
C GLU A 737 23.37 24.85 -9.78
N ALA A 738 23.40 24.03 -10.81
CA ALA A 738 24.33 22.93 -10.87
C ALA A 738 25.73 23.50 -11.10
N PRO A 739 26.78 22.83 -10.61
CA PRO A 739 28.14 23.28 -10.92
C PRO A 739 28.45 23.15 -12.40
N GLN A 740 29.30 24.04 -12.89
CA GLN A 740 29.61 24.11 -14.31
C GLN A 740 30.98 24.72 -14.55
N GLU A 757 39.98 15.69 -19.77
CA GLU A 757 39.46 16.17 -18.49
C GLU A 757 38.18 16.98 -18.68
N LEU A 758 37.98 17.48 -19.91
CA LEU A 758 36.78 18.28 -20.20
C LEU A 758 35.53 17.39 -20.21
N ARG A 759 35.65 16.20 -20.79
CA ARG A 759 34.53 15.27 -20.83
C ARG A 759 34.14 14.80 -19.43
N ARG A 760 35.13 14.64 -18.55
CA ARG A 760 34.86 14.24 -17.17
C ARG A 760 34.03 15.30 -16.45
N GLU A 761 34.43 16.57 -16.58
CA GLU A 761 33.68 17.65 -15.94
C GLU A 761 32.28 17.78 -16.52
N LEU A 762 32.15 17.68 -17.84
CA LEU A 762 30.82 17.80 -18.45
C LEU A 762 29.91 16.64 -18.03
N ALA A 763 30.44 15.42 -17.95
CA ALA A 763 29.65 14.29 -17.49
C ALA A 763 29.23 14.47 -16.04
N HIS A 764 30.12 15.03 -15.20
CA HIS A 764 29.77 15.28 -13.81
C HIS A 764 28.67 16.34 -13.69
N CYS A 765 28.74 17.40 -14.50
CA CYS A 765 27.69 18.42 -14.48
C CYS A 765 26.35 17.87 -14.94
N GLN A 766 26.34 17.05 -16.00
CA GLN A 766 25.07 16.47 -16.43
C GLN A 766 24.51 15.48 -15.40
N LYS A 767 25.38 14.72 -14.74
CA LYS A 767 24.91 13.78 -13.71
C LYS A 767 24.30 14.52 -12.52
N VAL A 768 24.99 15.55 -12.02
CA VAL A 768 24.47 16.28 -10.87
C VAL A 768 23.21 17.07 -11.24
N ALA A 769 23.14 17.58 -12.48
CA ALA A 769 21.94 18.28 -12.92
C ALA A 769 20.75 17.33 -13.04
N ARG A 770 21.00 16.10 -13.51
CA ARG A 770 19.93 15.11 -13.60
C ARG A 770 19.43 14.73 -12.21
N GLU A 771 20.34 14.60 -11.23
CA GLU A 771 19.93 14.30 -9.86
C GLU A 771 19.09 15.44 -9.27
N MET A 772 19.52 16.69 -9.51
CA MET A 772 18.76 17.85 -9.05
C MET A 772 17.35 17.90 -9.65
N HIS A 773 17.25 17.63 -10.95
CA HIS A 773 15.95 17.65 -11.62
C HIS A 773 15.05 16.52 -11.12
N SER A 774 15.63 15.33 -10.90
CA SER A 774 14.86 14.20 -10.40
C SER A 774 14.35 14.44 -8.99
N LEU A 775 15.12 15.14 -8.15
CA LEU A 775 14.62 15.48 -6.82
C LEU A 775 13.54 16.56 -6.89
N ARG A 776 13.72 17.56 -7.75
CA ARG A 776 12.76 18.66 -7.78
C ARG A 776 11.42 18.23 -8.39
N ALA A 777 11.42 17.20 -9.24
CA ALA A 777 10.14 16.67 -9.72
C ALA A 777 9.32 16.04 -8.57
N GLU A 778 9.99 15.27 -7.71
CA GLU A 778 9.37 14.71 -6.52
C GLU A 778 8.81 15.80 -5.63
N ALA A 779 9.61 16.83 -5.39
CA ALA A 779 9.18 17.95 -4.56
C ALA A 779 8.00 18.68 -5.18
N LEU A 780 8.00 18.83 -6.50
CA LEU A 780 6.88 19.47 -7.19
C LEU A 780 5.59 18.70 -7.00
N TYR A 781 5.64 17.37 -7.14
CA TYR A 781 4.44 16.56 -6.96
C TYR A 781 3.91 16.64 -5.53
N ARG A 782 4.81 16.51 -4.54
CA ARG A 782 4.37 16.53 -3.15
C ARG A 782 3.83 17.89 -2.73
N LEU A 783 4.51 18.97 -3.14
CA LEU A 783 4.06 20.30 -2.77
C LEU A 783 2.81 20.72 -3.54
N SER A 784 2.62 20.19 -4.76
CA SER A 784 1.38 20.44 -5.46
C SER A 784 0.20 19.76 -4.77
N LEU A 785 0.38 18.52 -4.31
CA LEU A 785 -0.68 17.90 -3.52
C LEU A 785 -0.92 18.61 -2.20
N ALA A 786 0.13 19.14 -1.58
CA ALA A 786 -0.05 19.90 -0.35
C ALA A 786 -0.81 21.20 -0.61
N GLN A 787 -0.54 21.85 -1.74
CA GLN A 787 -1.26 23.05 -2.12
C GLN A 787 -2.72 22.75 -2.44
N HIS A 788 -2.99 21.61 -3.10
CA HIS A 788 -4.37 21.24 -3.42
C HIS A 788 -5.16 20.88 -2.16
N LEU A 789 -4.53 20.17 -1.24
CA LEU A 789 -5.19 19.72 -0.02
C LEU A 789 -5.05 20.71 1.10
N ARG A 790 -4.82 21.98 0.77
CA ARG A 790 -4.50 22.98 1.78
C ARG A 790 -5.71 23.34 2.62
N ASP A 791 -6.86 23.60 1.98
CA ASP A 791 -8.08 23.98 2.67
C ASP A 791 -9.07 22.82 2.73
N ARG A 792 -8.57 21.61 2.87
CA ARG A 792 -9.37 20.39 2.84
C ARG A 792 -9.06 19.54 4.05
N VAL A 793 -9.93 18.57 4.31
CA VAL A 793 -9.71 17.51 5.27
C VAL A 793 -9.66 16.21 4.48
N PHE A 794 -8.59 15.45 4.64
CA PHE A 794 -8.38 14.27 3.81
C PHE A 794 -8.03 13.07 4.67
N TRP A 795 -8.17 11.89 4.06
CA TRP A 795 -7.99 10.61 4.72
C TRP A 795 -6.99 9.77 3.94
N LEU A 796 -6.22 8.97 4.67
CA LEU A 796 -5.24 8.05 4.08
C LEU A 796 -5.64 6.63 4.42
N PRO A 797 -6.26 5.88 3.51
CA PRO A 797 -6.52 4.46 3.76
C PRO A 797 -5.22 3.67 3.84
N HIS A 798 -5.25 2.59 4.61
CA HIS A 798 -4.05 1.85 4.93
C HIS A 798 -4.12 0.43 4.41
N ASN A 799 -2.95 -0.20 4.35
CA ASN A 799 -2.71 -1.48 3.71
C ASN A 799 -1.68 -2.23 4.52
N MET A 800 -1.50 -3.50 4.22
CA MET A 800 -0.46 -4.30 4.84
C MET A 800 0.51 -4.82 3.78
N ASP A 801 1.71 -5.19 4.22
CA ASP A 801 2.52 -6.08 3.42
C ASP A 801 2.28 -7.52 3.88
N PHE A 802 3.15 -8.44 3.46
CA PHE A 802 2.88 -9.84 3.72
C PHE A 802 3.18 -10.24 5.16
N ARG A 803 3.82 -9.37 5.93
CA ARG A 803 4.22 -9.67 7.30
C ARG A 803 3.19 -9.18 8.31
N GLY A 804 2.45 -8.12 7.98
CA GLY A 804 1.48 -7.53 8.88
C GLY A 804 1.66 -6.03 9.03
N ARG A 805 2.69 -5.51 8.38
CA ARG A 805 3.11 -4.12 8.57
C ARG A 805 2.37 -3.18 7.62
N THR A 806 1.90 -2.05 8.17
CA THR A 806 0.79 -1.29 7.59
C THR A 806 1.23 0.06 7.03
N TYR A 807 1.07 0.25 5.73
CA TYR A 807 1.46 1.47 5.04
C TYR A 807 0.24 2.18 4.46
N PRO A 808 0.26 3.51 4.39
CA PRO A 808 -0.84 4.22 3.73
C PRO A 808 -0.78 4.05 2.22
N CYS A 809 -1.94 4.15 1.59
CA CYS A 809 -2.07 3.90 0.16
C CYS A 809 -1.65 5.08 -0.74
N PRO A 810 -2.02 6.35 -0.48
CA PRO A 810 -1.51 7.43 -1.36
C PRO A 810 -0.04 7.70 -1.13
N PRO A 811 0.79 7.57 -2.17
CA PRO A 811 2.25 7.51 -1.97
C PRO A 811 2.98 8.83 -1.84
N HIS A 812 2.46 9.90 -2.48
CA HIS A 812 3.25 11.12 -2.62
C HIS A 812 3.32 11.92 -1.33
N PHE A 813 2.24 11.97 -0.56
CA PHE A 813 2.14 12.90 0.56
C PHE A 813 1.49 12.18 1.75
N ASN A 814 2.32 11.52 2.57
CA ASN A 814 1.85 10.83 3.76
C ASN A 814 2.89 10.96 4.87
N HIS A 815 2.53 10.45 6.05
CA HIS A 815 3.32 10.59 7.26
C HIS A 815 4.46 9.58 7.36
N LEU A 816 4.50 8.59 6.47
CA LEU A 816 5.66 7.73 6.27
C LEU A 816 6.52 8.26 5.12
N GLY A 817 7.05 9.46 5.33
CA GLY A 817 7.85 10.10 4.31
C GLY A 817 8.95 10.90 4.94
N SER A 818 9.43 11.89 4.18
CA SER A 818 10.56 12.70 4.60
C SER A 818 10.15 13.65 5.71
N ASP A 819 11.09 14.53 6.06
CA ASP A 819 10.88 15.52 7.10
C ASP A 819 9.81 16.53 6.71
N VAL A 820 9.83 16.97 5.45
CA VAL A 820 8.87 17.97 4.99
C VAL A 820 7.47 17.40 4.95
N ALA A 821 7.34 16.12 4.59
CA ALA A 821 6.03 15.47 4.56
C ALA A 821 5.43 15.36 5.96
N ARG A 822 6.24 15.06 6.96
CA ARG A 822 5.73 14.98 8.32
C ARG A 822 5.49 16.36 8.91
N ALA A 823 6.24 17.37 8.46
CA ALA A 823 6.02 18.72 8.95
C ALA A 823 4.75 19.33 8.37
N LEU A 824 4.40 18.97 7.14
CA LEU A 824 3.20 19.54 6.53
C LEU A 824 1.93 18.98 7.14
N LEU A 825 1.97 17.75 7.66
CA LEU A 825 0.77 17.05 8.07
C LEU A 825 0.41 17.31 9.53
N GLU A 826 -0.89 17.40 9.79
CA GLU A 826 -1.46 17.61 11.12
C GLU A 826 -2.72 16.78 11.22
N PHE A 827 -3.11 16.46 12.45
CA PHE A 827 -4.44 15.89 12.66
C PHE A 827 -5.49 16.94 12.37
N ALA A 828 -6.55 16.54 11.65
CA ALA A 828 -7.63 17.47 11.39
C ALA A 828 -8.46 17.72 12.64
N GLN A 829 -8.60 16.70 13.48
CA GLN A 829 -9.26 16.83 14.78
C GLN A 829 -8.20 17.05 15.84
N GLY A 830 -8.46 18.01 16.73
CA GLY A 830 -7.53 18.29 17.79
C GLY A 830 -8.12 18.05 19.16
N ARG A 831 -7.28 17.88 20.17
CA ARG A 831 -7.74 17.67 21.52
C ARG A 831 -7.05 18.68 22.43
N PRO A 832 -7.70 19.09 23.52
CA PRO A 832 -7.06 20.00 24.47
C PRO A 832 -5.85 19.34 25.12
N LEU A 833 -4.87 20.18 25.47
CA LEU A 833 -3.57 19.69 25.90
C LEU A 833 -3.67 18.97 27.25
N GLY A 834 -4.43 19.51 28.19
CA GLY A 834 -4.54 18.92 29.50
C GLY A 834 -3.32 19.24 30.33
N PRO A 835 -3.21 18.60 31.51
CA PRO A 835 -2.05 18.86 32.37
C PRO A 835 -0.71 18.41 31.77
N HIS A 836 -0.71 17.36 30.95
CA HIS A 836 0.53 16.78 30.43
C HIS A 836 0.67 16.96 28.91
N GLY A 837 -0.02 17.95 28.34
CA GLY A 837 0.11 18.16 26.90
C GLY A 837 1.35 18.94 26.54
N LEU A 838 1.56 20.08 27.20
CA LEU A 838 2.72 20.91 26.88
C LEU A 838 4.01 20.24 27.34
N ASP A 839 3.94 19.46 28.41
CA ASP A 839 5.07 18.68 28.91
C ASP A 839 5.57 17.69 27.86
N TRP A 840 4.67 16.88 27.33
CA TRP A 840 5.02 15.93 26.29
C TRP A 840 5.34 16.63 24.98
N LEU A 841 4.75 17.80 24.74
CA LEU A 841 5.07 18.57 23.55
C LEU A 841 6.52 19.02 23.54
N LYS A 842 7.01 19.50 24.68
CA LYS A 842 8.41 19.92 24.79
C LYS A 842 9.36 18.71 24.78
N ILE A 843 8.96 17.59 25.40
CA ILE A 843 9.75 16.36 25.29
C ILE A 843 9.87 15.92 23.84
N HIS A 844 8.75 15.98 23.10
CA HIS A 844 8.74 15.68 21.68
C HIS A 844 9.64 16.62 20.88
N LEU A 845 9.65 17.90 21.25
CA LEU A 845 10.52 18.87 20.56
C LEU A 845 11.99 18.56 20.78
N VAL A 846 12.37 18.22 22.02
CA VAL A 846 13.76 17.87 22.31
C VAL A 846 14.16 16.59 21.60
N ASN A 847 13.24 15.62 21.52
CA ASN A 847 13.48 14.42 20.73
C ASN A 847 13.63 14.74 19.26
N LEU A 848 12.96 15.80 18.79
CA LEU A 848 13.09 16.19 17.39
C LEU A 848 14.45 16.83 17.11
N THR A 849 14.95 17.64 18.05
CA THR A 849 16.24 18.32 17.82
C THR A 849 17.41 17.37 17.77
N GLY A 850 17.27 16.16 18.30
CA GLY A 850 18.31 15.16 18.23
C GLY A 850 19.34 15.26 19.34
N LEU A 851 19.53 16.45 19.89
CA LEU A 851 20.30 16.60 21.10
C LEU A 851 19.53 15.97 22.26
N LYS A 852 20.29 15.49 23.25
CA LYS A 852 19.77 14.86 24.46
C LYS A 852 18.92 13.61 24.12
N LYS A 853 19.60 12.60 23.59
CA LYS A 853 19.01 11.29 23.38
C LYS A 853 19.21 10.33 24.54
N ARG A 854 20.32 10.42 25.25
CA ARG A 854 20.71 9.47 26.27
C ARG A 854 20.22 9.89 27.66
N GLU A 855 19.63 11.06 27.77
CA GLU A 855 19.23 11.63 29.03
C GLU A 855 17.87 11.12 29.47
N PRO A 856 17.55 11.22 30.76
CA PRO A 856 16.17 11.00 31.19
C PRO A 856 15.24 12.11 30.71
N LEU A 857 13.93 11.86 30.90
CA LEU A 857 12.91 12.79 30.43
C LEU A 857 12.95 14.11 31.20
N ARG A 858 13.42 14.08 32.45
CA ARG A 858 13.55 15.28 33.24
C ARG A 858 14.53 16.26 32.59
N LYS A 859 15.65 15.73 32.12
CA LYS A 859 16.64 16.60 31.50
C LYS A 859 16.21 17.02 30.10
N ARG A 860 15.35 16.23 29.45
CA ARG A 860 14.70 16.68 28.22
C ARG A 860 13.82 17.89 28.48
N LEU A 861 13.03 17.85 29.56
CA LEU A 861 12.23 19.01 29.96
C LEU A 861 13.10 20.21 30.30
N ALA A 862 14.18 19.99 31.04
CA ALA A 862 15.06 21.08 31.43
C ALA A 862 15.73 21.69 30.21
N PHE A 863 16.11 20.86 29.25
CA PHE A 863 16.72 21.36 28.02
C PHE A 863 15.71 22.16 27.20
N ALA A 864 14.46 21.71 27.15
CA ALA A 864 13.42 22.46 26.45
C ALA A 864 13.18 23.82 27.11
N GLU A 865 13.15 23.85 28.44
CA GLU A 865 12.92 25.10 29.15
C GLU A 865 14.10 26.05 29.02
N GLU A 866 15.30 25.52 28.81
CA GLU A 866 16.48 26.37 28.70
C GLU A 866 16.53 27.09 27.35
N VAL A 867 16.13 26.41 26.26
CA VAL A 867 16.32 26.93 24.91
C VAL A 867 15.05 27.57 24.37
N MET A 868 14.19 28.04 25.27
CA MET A 868 12.88 28.56 24.88
C MET A 868 12.97 29.81 24.01
N ASP A 869 14.01 30.63 24.20
CA ASP A 869 14.20 31.80 23.35
C ASP A 869 14.45 31.41 21.90
N ASP A 870 15.24 30.37 21.68
CA ASP A 870 15.49 29.88 20.33
C ASP A 870 14.22 29.26 19.73
N ILE A 871 13.39 28.62 20.57
CA ILE A 871 12.13 28.07 20.11
C ILE A 871 11.19 29.17 19.63
N LEU A 872 11.06 30.23 20.43
CA LEU A 872 10.18 31.32 20.07
C LEU A 872 10.71 32.09 18.86
N ASP A 873 12.03 32.22 18.74
CA ASP A 873 12.60 32.91 17.59
C ASP A 873 12.48 32.08 16.32
N SER A 874 12.54 30.76 16.45
CA SER A 874 12.28 29.90 15.29
C SER A 874 10.83 30.02 14.84
N ALA A 875 9.89 30.05 15.79
CA ALA A 875 8.48 30.13 15.43
C ALA A 875 8.14 31.50 14.84
N ASP A 876 8.72 32.56 15.39
CA ASP A 876 8.32 33.91 15.00
C ASP A 876 9.00 34.32 13.69
N GLN A 877 10.32 34.17 13.61
CA GLN A 877 11.10 34.52 12.42
C GLN A 877 11.83 33.28 11.94
N PRO A 878 11.17 32.44 11.14
CA PRO A 878 11.82 31.19 10.71
C PRO A 878 13.05 31.38 9.85
N LEU A 879 13.05 32.41 9.01
CA LEU A 879 14.11 32.60 8.03
C LEU A 879 14.89 33.89 8.22
N THR A 880 14.38 34.84 9.00
CA THR A 880 15.06 36.10 9.25
C THR A 880 15.56 36.20 10.69
N GLY A 881 15.72 35.08 11.38
CA GLY A 881 16.18 35.10 12.75
C GLY A 881 17.50 34.36 12.92
N ARG A 882 17.79 33.91 14.14
CA ARG A 882 19.03 33.18 14.38
C ARG A 882 18.99 31.76 13.85
N LYS A 883 17.82 31.26 13.47
CA LYS A 883 17.66 30.02 12.67
C LYS A 883 18.19 28.81 13.43
N TRP A 884 17.79 28.70 14.70
CA TRP A 884 18.25 27.61 15.55
C TRP A 884 17.66 26.28 15.11
N TRP A 885 16.44 26.29 14.59
CA TRP A 885 15.74 25.09 14.16
C TRP A 885 16.42 24.41 12.99
N MET A 886 17.24 25.14 12.23
CA MET A 886 17.99 24.52 11.14
C MET A 886 19.09 23.63 11.67
N GLY A 887 19.54 23.85 12.91
CA GLY A 887 20.50 22.97 13.52
C GLY A 887 19.93 21.68 14.08
N ALA A 888 18.60 21.55 14.09
CA ALA A 888 17.96 20.36 14.62
C ALA A 888 18.16 19.16 13.71
N GLU A 889 18.09 17.97 14.30
CA GLU A 889 18.23 16.75 13.53
C GLU A 889 17.05 16.56 12.58
N GLU A 890 15.84 16.91 13.03
CA GLU A 890 14.64 16.89 12.20
C GLU A 890 14.13 18.33 12.09
N PRO A 891 14.66 19.12 11.15
CA PRO A 891 14.48 20.58 11.25
C PRO A 891 13.08 21.09 10.95
N TRP A 892 12.40 20.55 9.94
CA TRP A 892 11.07 21.05 9.60
C TRP A 892 10.03 20.62 10.63
N GLN A 893 10.14 19.38 11.13
CA GLN A 893 9.29 18.94 12.23
C GLN A 893 9.57 19.73 13.49
N THR A 894 10.84 20.08 13.72
CA THR A 894 11.20 20.92 14.86
C THR A 894 10.58 22.31 14.74
N LEU A 895 10.56 22.86 13.52
CA LEU A 895 9.92 24.15 13.30
C LEU A 895 8.42 24.07 13.55
N ALA A 896 7.78 23.00 13.09
CA ALA A 896 6.34 22.81 13.35
C ALA A 896 6.06 22.70 14.85
N CYS A 897 6.92 22.00 15.58
CA CYS A 897 6.69 21.87 17.02
C CYS A 897 7.03 23.16 17.75
N CYS A 898 7.98 23.96 17.25
CA CYS A 898 8.21 25.28 17.83
C CYS A 898 7.02 26.20 17.61
N MET A 899 6.38 26.09 16.44
CA MET A 899 5.15 26.84 16.19
C MET A 899 4.06 26.43 17.18
N GLU A 900 3.91 25.11 17.39
CA GLU A 900 2.89 24.61 18.31
C GLU A 900 3.18 25.04 19.76
N VAL A 901 4.44 24.98 20.17
CA VAL A 901 4.83 25.36 21.52
C VAL A 901 4.64 26.85 21.73
N ALA A 902 5.02 27.68 20.75
CA ALA A 902 4.82 29.12 20.86
C ALA A 902 3.35 29.48 20.89
N ASN A 903 2.51 28.72 20.18
CA ASN A 903 1.07 28.93 20.29
C ASN A 903 0.55 28.51 21.65
N ALA A 904 1.15 27.50 22.26
CA ALA A 904 0.68 27.04 23.57
C ALA A 904 1.12 27.94 24.72
N VAL A 905 2.32 28.50 24.65
CA VAL A 905 2.88 29.19 25.82
C VAL A 905 2.33 30.61 25.94
N ARG A 906 2.03 31.26 24.81
CA ARG A 906 1.47 32.60 24.88
C ARG A 906 -0.03 32.61 25.01
N ALA A 907 -0.67 31.44 25.00
CA ALA A 907 -2.11 31.38 25.19
C ALA A 907 -2.48 31.72 26.64
N SER A 908 -3.71 32.20 26.83
CA SER A 908 -4.17 32.55 28.17
C SER A 908 -4.25 31.33 29.06
N ASP A 909 -4.78 30.23 28.53
CA ASP A 909 -4.86 28.97 29.26
C ASP A 909 -4.15 27.93 28.41
N PRO A 910 -2.87 27.63 28.69
CA PRO A 910 -2.18 26.57 27.95
C PRO A 910 -2.80 25.19 28.13
N ALA A 911 -3.47 24.94 29.26
CA ALA A 911 -4.03 23.62 29.51
C ALA A 911 -5.21 23.33 28.58
N ALA A 912 -6.06 24.33 28.35
CA ALA A 912 -7.18 24.18 27.44
C ALA A 912 -6.86 24.79 26.08
N TYR A 913 -5.84 24.23 25.43
CA TYR A 913 -5.46 24.65 24.08
C TYR A 913 -5.59 23.46 23.15
N VAL A 914 -6.29 23.65 22.05
CA VAL A 914 -6.49 22.58 21.08
C VAL A 914 -5.24 22.45 20.23
N SER A 915 -4.61 21.28 20.28
CA SER A 915 -3.40 21.00 19.52
C SER A 915 -3.69 19.95 18.47
N HIS A 916 -3.09 20.12 17.30
CA HIS A 916 -3.28 19.20 16.19
C HIS A 916 -2.01 18.46 15.82
N LEU A 917 -0.93 18.67 16.55
CA LEU A 917 0.37 18.14 16.15
C LEU A 917 0.60 16.78 16.78
N PRO A 918 0.95 15.77 15.98
CA PRO A 918 1.22 14.44 16.53
C PRO A 918 2.52 14.40 17.31
N VAL A 919 2.47 13.77 18.48
CA VAL A 919 3.61 13.55 19.34
C VAL A 919 3.98 12.07 19.23
N HIS A 920 5.28 11.79 19.13
CA HIS A 920 5.81 10.50 18.73
C HIS A 920 6.33 9.76 19.96
N GLN A 921 6.15 8.44 19.99
CA GLN A 921 6.84 7.60 20.96
C GLN A 921 7.39 6.38 20.25
N ASP A 922 8.69 6.14 20.41
CA ASP A 922 9.42 5.11 19.70
C ASP A 922 10.08 4.17 20.70
N GLY A 923 10.19 2.90 20.32
CA GLY A 923 10.81 1.89 21.17
C GLY A 923 12.27 1.70 20.83
N SER A 924 13.07 1.45 21.87
CA SER A 924 14.52 1.37 21.72
C SER A 924 14.92 -0.07 21.43
N CYS A 925 15.51 -0.29 20.25
CA CYS A 925 16.04 -1.59 19.80
C CYS A 925 14.95 -2.66 19.80
N ASN A 926 13.96 -2.44 18.92
CA ASN A 926 12.70 -3.18 18.99
C ASN A 926 12.87 -4.66 18.67
N GLY A 927 13.67 -5.00 17.66
CA GLY A 927 13.94 -6.40 17.40
C GLY A 927 14.67 -7.11 18.52
N LEU A 928 15.62 -6.42 19.14
CA LEU A 928 16.26 -6.86 20.36
C LEU A 928 15.30 -6.91 21.55
N GLN A 929 14.34 -5.99 21.62
CA GLN A 929 13.28 -6.07 22.62
C GLN A 929 12.47 -7.34 22.47
N HIS A 930 12.14 -7.69 21.23
CA HIS A 930 11.32 -8.87 21.00
C HIS A 930 12.10 -10.17 21.23
N TYR A 931 13.33 -10.26 20.73
CA TYR A 931 14.24 -11.34 21.15
C TYR A 931 14.38 -11.47 22.66
N ALA A 932 14.49 -10.35 23.37
CA ALA A 932 14.61 -10.42 24.83
C ALA A 932 13.31 -10.89 25.47
N ALA A 933 12.17 -10.55 24.88
CA ALA A 933 10.89 -10.98 25.44
C ALA A 933 10.60 -12.44 25.14
N LEU A 934 10.98 -12.94 23.96
CA LEU A 934 10.90 -14.37 23.69
C LEU A 934 11.85 -15.17 24.56
N GLY A 935 13.04 -14.65 24.83
CA GLY A 935 13.99 -15.41 25.61
C GLY A 935 13.91 -15.23 27.11
N ARG A 936 13.23 -14.15 27.54
CA ARG A 936 13.14 -13.76 28.96
C ARG A 936 14.53 -13.58 29.57
N ASP A 937 15.45 -13.07 28.77
CA ASP A 937 16.84 -12.91 29.19
C ASP A 937 16.95 -11.69 30.08
N SER A 938 17.51 -11.88 31.29
CA SER A 938 17.57 -10.78 32.25
C SER A 938 18.51 -9.66 31.79
N VAL A 939 19.70 -10.04 31.31
CA VAL A 939 20.65 -9.03 30.84
C VAL A 939 20.20 -8.41 29.53
N GLY A 940 19.55 -9.21 28.67
CA GLY A 940 19.00 -8.66 27.43
C GLY A 940 17.86 -7.70 27.67
N ALA A 941 16.96 -8.04 28.61
CA ALA A 941 15.85 -7.15 28.93
C ALA A 941 16.33 -5.90 29.65
N ALA A 942 17.39 -6.02 30.46
CA ALA A 942 17.99 -4.84 31.05
C ALA A 942 18.70 -3.99 30.00
N SER A 943 19.12 -4.61 28.90
CA SER A 943 19.87 -3.88 27.88
C SER A 943 18.98 -3.02 27.01
N VAL A 944 17.75 -3.44 26.72
CA VAL A 944 16.92 -2.72 25.76
C VAL A 944 15.70 -2.12 26.46
N ASN A 945 15.88 -1.74 27.73
CA ASN A 945 14.92 -0.98 28.53
C ASN A 945 13.61 -1.73 28.77
N LEU A 946 13.67 -3.06 28.88
CA LEU A 946 12.53 -3.81 29.36
C LEU A 946 12.48 -3.87 30.88
N GLU A 947 13.54 -3.42 31.55
CA GLU A 947 13.61 -3.29 32.98
C GLU A 947 13.77 -1.82 33.32
N PRO A 948 13.00 -1.30 34.29
CA PRO A 948 13.01 0.15 34.54
C PRO A 948 14.33 0.66 35.10
N SER A 949 14.64 1.90 34.74
CA SER A 949 15.84 2.57 35.22
C SER A 949 15.59 4.07 35.14
N ASP A 950 16.39 4.82 35.90
CA ASP A 950 16.26 6.27 35.87
C ASP A 950 16.77 6.84 34.55
N VAL A 951 17.77 6.19 33.95
CA VAL A 951 18.36 6.67 32.70
C VAL A 951 18.07 5.68 31.58
N PRO A 952 18.00 6.13 30.33
CA PRO A 952 17.85 5.20 29.22
C PRO A 952 19.08 4.33 29.04
N GLN A 953 18.83 3.10 28.61
CA GLN A 953 19.89 2.20 28.19
C GLN A 953 19.92 2.16 26.67
N ASP A 954 21.12 2.01 26.13
CA ASP A 954 21.32 2.38 24.74
C ASP A 954 22.50 1.57 24.21
N VAL A 955 22.19 0.55 23.40
CA VAL A 955 23.19 -0.46 23.04
C VAL A 955 24.25 0.12 22.11
N TYR A 956 23.82 0.95 21.16
CA TYR A 956 24.71 1.41 20.09
C TYR A 956 25.77 2.39 20.59
N SER A 957 25.47 3.18 21.62
CA SER A 957 26.48 4.01 22.26
C SER A 957 27.41 3.22 23.17
N GLY A 958 27.09 1.97 23.46
CA GLY A 958 28.03 1.11 24.16
C GLY A 958 28.99 0.48 23.18
N VAL A 959 28.44 0.02 22.05
CA VAL A 959 29.30 -0.56 21.02
C VAL A 959 30.21 0.51 20.42
N ALA A 960 29.71 1.74 20.25
CA ALA A 960 30.54 2.84 19.77
C ALA A 960 31.68 3.15 20.73
N ALA A 961 31.42 3.10 22.03
CA ALA A 961 32.48 3.33 23.02
C ALA A 961 33.53 2.22 22.95
N GLN A 962 33.10 0.97 22.79
CA GLN A 962 34.05 -0.13 22.68
C GLN A 962 34.93 0.01 21.44
N VAL A 963 34.33 0.36 20.30
CA VAL A 963 35.12 0.52 19.08
C VAL A 963 36.03 1.74 19.18
N GLU A 964 35.61 2.78 19.92
CA GLU A 964 36.48 3.94 20.12
C GLU A 964 37.69 3.58 20.98
N VAL A 965 37.50 2.73 21.99
CA VAL A 965 38.62 2.22 22.79
C VAL A 965 39.58 1.42 21.90
N PHE A 966 39.04 0.55 21.06
CA PHE A 966 39.87 -0.22 20.13
C PHE A 966 40.61 0.69 19.16
N ARG A 967 39.94 1.73 18.66
CA ARG A 967 40.57 2.66 17.74
C ARG A 967 41.71 3.44 18.39
N ARG A 968 41.52 3.89 19.64
CA ARG A 968 42.60 4.61 20.31
C ARG A 968 43.78 3.68 20.55
N GLN A 969 43.50 2.41 20.87
CA GLN A 969 44.57 1.44 21.03
C GLN A 969 45.36 1.23 19.75
N ASP A 970 44.68 1.13 18.61
CA ASP A 970 45.40 0.94 17.36
C ASP A 970 46.08 2.21 16.86
N ALA A 971 45.47 3.38 17.12
CA ALA A 971 46.04 4.63 16.64
C ALA A 971 47.23 5.06 17.49
N GLN A 972 47.34 4.55 18.72
CA GLN A 972 48.59 4.74 19.46
C GLN A 972 49.73 3.93 18.84
N ARG A 973 49.41 2.86 18.12
CA ARG A 973 50.39 2.06 17.40
C ARG A 973 50.60 2.51 15.96
N GLY A 974 50.16 3.72 15.61
CA GLY A 974 50.45 4.26 14.30
C GLY A 974 49.63 3.70 13.16
N MET A 975 48.47 3.12 13.44
CA MET A 975 47.62 2.58 12.39
C MET A 975 46.87 3.75 11.72
N ARG A 976 47.18 3.98 10.44
CA ARG A 976 46.72 5.19 9.75
C ARG A 976 45.21 5.24 9.61
N VAL A 977 44.58 4.09 9.32
CA VAL A 977 43.13 4.05 9.24
C VAL A 977 42.50 4.30 10.61
N ALA A 978 43.15 3.82 11.67
CA ALA A 978 42.69 4.13 13.01
C ALA A 978 42.98 5.57 13.39
N GLN A 979 44.05 6.15 12.84
CA GLN A 979 44.36 7.55 13.12
C GLN A 979 43.32 8.48 12.51
N VAL A 980 42.99 8.28 11.24
CA VAL A 980 41.99 9.16 10.64
C VAL A 980 40.57 8.60 10.83
N LEU A 981 40.13 8.60 12.09
CA LEU A 981 38.73 8.37 12.43
C LEU A 981 38.30 9.15 13.66
N GLU A 982 39.11 10.10 14.14
CA GLU A 982 38.84 10.74 15.43
C GLU A 982 37.61 11.63 15.34
N GLY A 983 36.67 11.40 16.25
CA GLY A 983 35.40 12.08 16.19
C GLY A 983 34.43 11.53 15.17
N PHE A 984 34.72 10.36 14.59
CA PHE A 984 33.89 9.81 13.53
C PHE A 984 33.30 8.45 13.85
N ILE A 985 33.45 7.95 15.07
CA ILE A 985 32.73 6.77 15.53
C ILE A 985 31.62 7.22 16.45
N THR A 986 30.39 7.01 16.01
CA THR A 986 29.20 7.53 16.65
C THR A 986 28.15 6.42 16.55
N ARG A 987 27.14 6.49 17.42
CA ARG A 987 25.89 5.73 17.30
C ARG A 987 25.44 5.52 15.85
N LYS A 988 25.43 6.59 15.04
CA LYS A 988 24.88 6.48 13.69
C LYS A 988 25.76 5.61 12.80
N VAL A 989 27.07 5.53 13.10
CA VAL A 989 27.98 4.75 12.27
C VAL A 989 27.74 3.25 12.47
N VAL A 990 27.56 2.81 13.72
CA VAL A 990 27.46 1.39 14.03
C VAL A 990 26.03 0.94 14.28
N LYS A 991 25.05 1.85 14.14
CA LYS A 991 23.67 1.59 14.55
C LYS A 991 23.05 0.44 13.77
N GLN A 992 23.12 0.51 12.45
CA GLN A 992 22.43 -0.48 11.64
C GLN A 992 23.14 -1.83 11.72
N THR A 993 24.47 -1.83 11.81
CA THR A 993 25.21 -3.08 11.93
C THR A 993 24.91 -3.80 13.24
N VAL A 994 24.88 -3.06 14.36
CA VAL A 994 24.60 -3.69 15.64
C VAL A 994 23.12 -4.11 15.70
N MET A 995 22.24 -3.32 15.08
CA MET A 995 20.84 -3.72 14.92
C MET A 995 20.70 -5.01 14.12
N THR A 996 21.61 -5.24 13.19
CA THR A 996 21.43 -6.21 12.13
C THR A 996 22.16 -7.53 12.39
N VAL A 997 23.13 -7.56 13.33
CA VAL A 997 23.80 -8.83 13.65
C VAL A 997 22.84 -9.88 14.17
N VAL A 998 21.69 -9.46 14.71
CA VAL A 998 20.69 -10.42 15.17
C VAL A 998 19.77 -10.89 14.06
N TYR A 999 19.95 -10.38 12.85
CA TYR A 999 19.21 -10.81 11.67
C TYR A 999 20.14 -11.50 10.69
N GLY A 1000 21.30 -11.92 11.18
CA GLY A 1000 22.22 -12.67 10.36
C GLY A 1000 22.92 -11.88 9.28
N VAL A 1001 23.45 -10.70 9.62
CA VAL A 1001 24.15 -9.89 8.64
C VAL A 1001 25.48 -10.56 8.31
N THR A 1002 25.93 -10.37 7.08
CA THR A 1002 27.29 -10.72 6.71
C THR A 1002 28.19 -9.53 6.97
N ARG A 1003 29.50 -9.77 6.86
CA ARG A 1003 30.45 -8.66 6.99
C ARG A 1003 30.36 -7.70 5.82
N TYR A 1004 29.97 -8.21 4.64
CA TYR A 1004 29.83 -7.38 3.46
C TYR A 1004 28.67 -6.37 3.61
N GLY A 1005 27.53 -6.84 4.12
CA GLY A 1005 26.40 -5.94 4.32
C GLY A 1005 26.69 -4.89 5.36
N GLY A 1006 27.35 -5.27 6.45
CA GLY A 1006 27.81 -4.29 7.42
C GLY A 1006 28.77 -3.30 6.83
N ARG A 1007 29.61 -3.75 5.89
CA ARG A 1007 30.54 -2.85 5.22
C ARG A 1007 29.81 -1.80 4.39
N LEU A 1008 28.80 -2.20 3.63
CA LEU A 1008 28.00 -1.20 2.91
C LEU A 1008 27.26 -0.26 3.86
N GLN A 1009 26.78 -0.77 5.00
CA GLN A 1009 26.12 0.10 5.97
C GLN A 1009 27.06 1.18 6.50
N ILE A 1010 28.26 0.77 6.93
CA ILE A 1010 29.22 1.73 7.46
C ILE A 1010 29.73 2.66 6.37
N GLU A 1011 29.84 2.15 5.13
CA GLU A 1011 30.25 2.99 4.01
C GLU A 1011 29.25 4.11 3.75
N LYS A 1012 27.95 3.78 3.74
CA LYS A 1012 26.96 4.82 3.51
C LYS A 1012 26.89 5.79 4.68
N ARG A 1013 27.18 5.32 5.90
CA ARG A 1013 27.17 6.26 7.02
C ARG A 1013 28.41 7.16 7.02
N LEU A 1014 29.53 6.70 6.47
CA LEU A 1014 30.72 7.54 6.38
C LEU A 1014 30.67 8.50 5.20
N ARG A 1015 29.96 8.14 4.13
CA ARG A 1015 29.87 9.03 2.97
C ARG A 1015 29.02 10.26 3.26
N GLU A 1016 28.11 10.17 4.23
CA GLU A 1016 27.25 11.28 4.59
C GLU A 1016 27.97 12.34 5.42
N LEU A 1017 29.07 11.99 6.06
CA LEU A 1017 29.85 12.92 6.86
C LEU A 1017 30.81 13.68 5.93
N SER A 1018 30.58 14.98 5.76
CA SER A 1018 31.33 15.75 4.79
C SER A 1018 32.73 16.10 5.27
N ASP A 1019 32.97 16.07 6.57
CA ASP A 1019 34.26 16.41 7.14
C ASP A 1019 35.29 15.30 6.94
N PHE A 1020 34.84 14.06 6.81
CA PHE A 1020 35.68 12.87 6.75
C PHE A 1020 36.37 12.75 5.40
N PRO A 1021 37.63 12.33 5.37
CA PRO A 1021 38.33 12.15 4.10
C PRO A 1021 37.72 11.04 3.26
N GLN A 1022 37.33 11.38 2.03
CA GLN A 1022 36.65 10.43 1.18
C GLN A 1022 37.58 9.44 0.52
N GLU A 1023 38.89 9.70 0.52
CA GLU A 1023 39.84 8.73 -0.04
C GLU A 1023 40.03 7.55 0.89
N PHE A 1024 39.83 7.74 2.20
CA PHE A 1024 40.04 6.71 3.19
C PHE A 1024 38.74 6.15 3.74
N VAL A 1025 37.65 6.26 3.00
CA VAL A 1025 36.38 5.67 3.45
C VAL A 1025 36.46 4.15 3.40
N TRP A 1026 36.92 3.59 2.27
CA TRP A 1026 36.90 2.15 2.03
C TRP A 1026 37.65 1.39 3.11
N GLU A 1027 38.90 1.77 3.37
CA GLU A 1027 39.69 1.12 4.41
C GLU A 1027 39.04 1.27 5.77
N ALA A 1028 38.45 2.45 6.03
CA ALA A 1028 37.75 2.68 7.28
C ALA A 1028 36.60 1.70 7.44
N SER A 1029 35.90 1.41 6.34
CA SER A 1029 34.82 0.43 6.38
C SER A 1029 35.34 -0.93 6.78
N HIS A 1030 36.48 -1.34 6.23
CA HIS A 1030 37.05 -2.62 6.61
C HIS A 1030 37.57 -2.59 8.04
N TYR A 1031 37.93 -1.41 8.53
CA TYR A 1031 38.35 -1.33 9.92
C TYR A 1031 37.14 -1.29 10.84
N LEU A 1032 35.95 -1.03 10.29
CA LEU A 1032 34.77 -0.89 11.14
C LEU A 1032 33.80 -2.06 11.04
N VAL A 1033 33.90 -2.93 10.03
CA VAL A 1033 33.32 -4.26 10.18
C VAL A 1033 34.11 -5.07 11.20
N ARG A 1034 35.43 -4.92 11.18
CA ARG A 1034 36.22 -5.32 12.32
C ARG A 1034 35.91 -4.38 13.49
N GLN A 1035 36.14 -4.89 14.69
CA GLN A 1035 36.03 -4.22 15.99
C GLN A 1035 34.57 -3.96 16.37
N VAL A 1036 33.63 -4.11 15.44
CA VAL A 1036 32.20 -4.09 15.73
C VAL A 1036 31.67 -5.51 15.87
N PHE A 1037 32.13 -6.41 14.99
CA PHE A 1037 31.88 -7.83 15.16
C PHE A 1037 32.69 -8.43 16.30
N LYS A 1038 33.47 -7.63 17.03
CA LYS A 1038 33.87 -7.98 18.39
C LYS A 1038 32.71 -7.68 19.36
N SER A 1039 31.67 -8.49 19.21
CA SER A 1039 30.55 -8.62 20.13
C SER A 1039 30.31 -10.10 20.42
N LEU A 1040 31.39 -10.88 20.43
CA LEU A 1040 31.27 -12.34 20.36
C LEU A 1040 30.75 -12.92 21.66
N GLN A 1041 31.28 -12.47 22.79
CA GLN A 1041 30.88 -12.96 24.10
C GLN A 1041 30.29 -11.83 24.90
N GLU A 1042 29.42 -12.19 25.84
CA GLU A 1042 28.67 -11.29 26.72
C GLU A 1042 27.78 -10.32 25.96
N MET A 1043 27.48 -10.60 24.69
CA MET A 1043 26.57 -9.78 23.89
C MET A 1043 25.54 -10.69 23.22
N PHE A 1044 24.33 -10.68 23.76
CA PHE A 1044 23.13 -11.28 23.17
C PHE A 1044 23.29 -12.79 23.00
N SER A 1045 23.44 -13.48 24.13
CA SER A 1045 23.62 -14.92 24.06
C SER A 1045 22.34 -15.65 23.68
N GLY A 1046 21.30 -15.53 24.50
CA GLY A 1046 20.04 -16.20 24.21
C GLY A 1046 19.32 -15.61 23.02
N THR A 1047 19.57 -14.33 22.73
CA THR A 1047 19.09 -13.72 21.50
C THR A 1047 19.62 -14.45 20.27
N ARG A 1048 20.93 -14.71 20.22
CA ARG A 1048 21.46 -15.49 19.10
C ARG A 1048 21.10 -16.96 19.19
N ALA A 1049 20.74 -17.46 20.37
CA ALA A 1049 20.21 -18.81 20.45
C ALA A 1049 18.85 -18.93 19.75
N ILE A 1050 17.96 -17.97 20.02
CA ILE A 1050 16.67 -17.93 19.31
C ILE A 1050 16.88 -17.67 17.83
N GLN A 1051 17.82 -16.79 17.49
CA GLN A 1051 18.13 -16.51 16.09
C GLN A 1051 18.64 -17.76 15.37
N HIS A 1052 19.52 -18.52 16.02
CA HIS A 1052 20.06 -19.74 15.44
C HIS A 1052 18.98 -20.79 15.28
N TRP A 1053 18.07 -20.90 16.25
CA TRP A 1053 17.01 -21.90 16.14
C TRP A 1053 16.04 -21.53 15.01
N LEU A 1054 15.71 -20.25 14.89
CA LEU A 1054 14.85 -19.79 13.80
C LEU A 1054 15.51 -19.98 12.44
N THR A 1055 16.80 -19.69 12.33
CA THR A 1055 17.50 -19.83 11.05
C THR A 1055 17.63 -21.30 10.67
N GLU A 1056 17.93 -22.18 11.63
CA GLU A 1056 17.99 -23.61 11.32
C GLU A 1056 16.62 -24.17 11.00
N SER A 1057 15.57 -23.68 11.67
CA SER A 1057 14.21 -24.09 11.37
C SER A 1057 13.83 -23.70 9.94
N ALA A 1058 14.13 -22.46 9.55
CA ALA A 1058 13.83 -22.01 8.19
C ALA A 1058 14.65 -22.78 7.16
N ARG A 1059 15.92 -23.04 7.48
CA ARG A 1059 16.78 -23.79 6.56
C ARG A 1059 16.28 -25.20 6.34
N LEU A 1060 15.84 -25.88 7.40
CA LEU A 1060 15.36 -27.25 7.24
C LEU A 1060 13.94 -27.31 6.68
N ILE A 1061 13.12 -26.28 6.89
CA ILE A 1061 11.84 -26.21 6.18
C ILE A 1061 12.06 -26.02 4.70
N SER A 1062 12.98 -25.12 4.32
CA SER A 1062 13.23 -24.87 2.91
C SER A 1062 14.00 -26.02 2.25
N HIS A 1063 14.69 -26.84 3.05
CA HIS A 1063 15.45 -27.95 2.48
C HIS A 1063 14.54 -29.04 1.91
N MET A 1064 13.36 -29.24 2.52
CA MET A 1064 12.40 -30.17 1.94
C MET A 1064 11.65 -29.58 0.75
N GLY A 1065 11.69 -28.26 0.57
CA GLY A 1065 11.03 -27.63 -0.55
C GLY A 1065 9.78 -26.86 -0.21
N SER A 1066 9.57 -26.52 1.05
CA SER A 1066 8.38 -25.80 1.48
C SER A 1066 8.78 -24.43 2.00
N VAL A 1067 7.99 -23.42 1.64
CA VAL A 1067 8.24 -22.06 2.10
C VAL A 1067 7.83 -21.95 3.56
N VAL A 1068 8.44 -21.00 4.27
CA VAL A 1068 8.17 -20.84 5.68
C VAL A 1068 6.85 -20.12 5.87
N GLU A 1069 5.93 -20.76 6.58
CA GLU A 1069 4.63 -20.19 6.91
C GLU A 1069 4.52 -20.12 8.42
N TRP A 1070 3.82 -19.10 8.91
CA TRP A 1070 3.41 -19.10 10.30
C TRP A 1070 2.14 -18.27 10.44
N VAL A 1071 1.63 -18.21 11.67
CA VAL A 1071 0.43 -17.46 12.00
C VAL A 1071 0.82 -16.43 13.06
N THR A 1072 0.43 -15.19 12.84
CA THR A 1072 0.59 -14.15 13.83
C THR A 1072 -0.26 -14.50 15.04
N PRO A 1073 0.17 -14.13 16.25
CA PRO A 1073 -0.68 -14.36 17.43
C PRO A 1073 -2.03 -13.65 17.41
N LEU A 1074 -2.21 -12.64 16.55
CA LEU A 1074 -3.54 -12.10 16.29
C LEU A 1074 -4.27 -12.83 15.18
N GLY A 1075 -3.66 -13.86 14.59
CA GLY A 1075 -4.34 -14.75 13.68
C GLY A 1075 -4.04 -14.56 12.21
N VAL A 1076 -3.11 -13.69 11.85
CA VAL A 1076 -2.85 -13.36 10.45
C VAL A 1076 -1.83 -14.33 9.87
N PRO A 1077 -2.18 -15.07 8.82
CA PRO A 1077 -1.22 -15.98 8.21
C PRO A 1077 -0.18 -15.25 7.38
N VAL A 1078 1.08 -15.65 7.56
CA VAL A 1078 2.21 -15.05 6.87
C VAL A 1078 2.98 -16.15 6.16
N ILE A 1079 3.25 -15.93 4.87
CA ILE A 1079 4.03 -16.84 4.04
C ILE A 1079 5.11 -16.03 3.34
N GLN A 1080 6.26 -16.67 3.06
CA GLN A 1080 7.41 -15.98 2.49
C GLN A 1080 7.46 -16.22 0.99
N PRO A 1081 7.33 -15.17 0.16
CA PRO A 1081 7.18 -15.34 -1.29
C PRO A 1081 8.50 -15.33 -2.05
N TYR A 1082 9.43 -16.19 -1.66
CA TYR A 1082 10.78 -16.00 -2.14
C TYR A 1082 11.05 -16.77 -3.43
N ARG A 1083 11.03 -18.11 -3.36
CA ARG A 1083 11.03 -19.05 -4.49
C ARG A 1083 11.90 -18.67 -5.69
N LEU A 1084 13.17 -18.40 -5.47
CA LEU A 1084 14.05 -18.03 -6.58
C LEU A 1084 14.43 -19.31 -7.30
N ASP A 1085 13.70 -19.61 -8.37
CA ASP A 1085 13.95 -20.77 -9.20
C ASP A 1085 14.31 -20.40 -10.64
N SER A 1086 13.87 -19.24 -11.13
CA SER A 1086 14.20 -18.82 -12.47
C SER A 1086 14.82 -17.43 -12.46
N SER A 1107 9.47 -19.82 -10.60
CA SER A 1107 9.19 -19.88 -9.17
C SER A 1107 8.55 -21.22 -8.79
N ARG A 1108 9.38 -22.25 -8.66
CA ARG A 1108 8.91 -23.57 -8.27
C ARG A 1108 9.47 -24.05 -6.94
N LYS A 1109 10.74 -23.76 -6.65
CA LYS A 1109 11.38 -24.23 -5.43
C LYS A 1109 11.81 -23.06 -4.57
N PRO A 1110 11.69 -23.17 -3.24
CA PRO A 1110 12.06 -22.05 -2.37
C PRO A 1110 13.56 -21.81 -2.35
N ASN A 1111 13.93 -20.55 -2.18
CA ASN A 1111 15.34 -20.15 -2.17
C ASN A 1111 15.74 -20.23 -0.70
N THR A 1112 16.53 -21.25 -0.37
CA THR A 1112 16.85 -21.57 1.03
C THR A 1112 17.60 -20.44 1.71
N ARG A 1113 18.56 -19.83 1.01
CA ARG A 1113 19.33 -18.72 1.56
C ARG A 1113 18.43 -17.53 1.88
N LYS A 1114 17.56 -17.18 0.93
CA LYS A 1114 16.65 -16.04 1.11
C LYS A 1114 15.65 -16.32 2.23
N GLN A 1115 15.15 -17.56 2.30
CA GLN A 1115 14.19 -17.95 3.34
C GLN A 1115 14.81 -17.89 4.73
N LYS A 1116 16.02 -18.45 4.90
CA LYS A 1116 16.62 -18.46 6.23
C LYS A 1116 17.13 -17.08 6.64
N ASN A 1117 17.53 -16.26 5.68
CA ASN A 1117 17.95 -14.90 6.02
C ASN A 1117 16.75 -14.02 6.32
N GLY A 1118 15.59 -14.31 5.71
CA GLY A 1118 14.43 -13.48 5.92
C GLY A 1118 13.55 -13.90 7.08
N PHE A 1119 13.65 -15.15 7.55
CA PHE A 1119 12.75 -15.60 8.60
C PHE A 1119 12.90 -14.87 9.93
N PRO A 1120 14.09 -14.62 10.48
CA PRO A 1120 14.17 -13.86 11.75
C PRO A 1120 13.64 -12.44 11.64
N PRO A 1121 14.02 -11.61 10.64
CA PRO A 1121 13.43 -10.27 10.58
C PRO A 1121 11.93 -10.28 10.32
N ASN A 1122 11.45 -11.17 9.45
CA ASN A 1122 10.02 -11.19 9.14
C ASN A 1122 9.19 -11.66 10.32
N PHE A 1123 9.72 -12.63 11.10
CA PHE A 1123 9.00 -13.09 12.28
C PHE A 1123 8.95 -12.00 13.34
N ILE A 1124 10.08 -11.34 13.62
CA ILE A 1124 10.08 -10.25 14.60
C ILE A 1124 9.27 -9.05 14.14
N HIS A 1125 9.22 -8.78 12.84
CA HIS A 1125 8.40 -7.71 12.31
C HIS A 1125 6.91 -8.03 12.36
N SER A 1126 6.54 -9.30 12.17
CA SER A 1126 5.16 -9.71 12.39
C SER A 1126 4.76 -9.56 13.85
N LEU A 1127 5.67 -9.86 14.78
CA LEU A 1127 5.35 -9.67 16.19
C LEU A 1127 5.17 -8.20 16.55
N ASP A 1128 6.00 -7.31 16.01
CA ASP A 1128 5.84 -5.90 16.35
C ASP A 1128 4.61 -5.31 15.68
N SER A 1129 4.22 -5.84 14.51
CA SER A 1129 2.94 -5.45 13.94
C SER A 1129 1.77 -5.93 14.78
N SER A 1130 1.85 -7.14 15.34
CA SER A 1130 0.81 -7.60 16.26
C SER A 1130 0.72 -6.73 17.50
N HIS A 1131 1.89 -6.32 18.03
CA HIS A 1131 1.95 -5.36 19.13
C HIS A 1131 1.27 -4.06 18.76
N MET A 1132 1.56 -3.55 17.57
CA MET A 1132 0.98 -2.30 17.09
C MET A 1132 -0.53 -2.40 16.97
N MET A 1133 -1.02 -3.52 16.45
CA MET A 1133 -2.46 -3.68 16.24
C MET A 1133 -3.20 -3.83 17.56
N LEU A 1134 -2.61 -4.54 18.53
CA LEU A 1134 -3.22 -4.61 19.86
C LEU A 1134 -3.27 -3.25 20.52
N THR A 1135 -2.17 -2.48 20.42
CA THR A 1135 -2.13 -1.15 21.00
C THR A 1135 -3.14 -0.23 20.33
N ALA A 1136 -3.27 -0.34 19.01
CA ALA A 1136 -4.23 0.47 18.26
C ALA A 1136 -5.66 0.16 18.67
N LEU A 1137 -5.98 -1.11 18.84
CA LEU A 1137 -7.36 -1.48 19.18
C LEU A 1137 -7.72 -1.06 20.60
N HIS A 1138 -6.81 -1.27 21.56
CA HIS A 1138 -7.12 -0.84 22.91
C HIS A 1138 -6.95 0.65 23.11
N CYS A 1139 -6.38 1.36 22.14
CA CYS A 1139 -6.44 2.82 22.14
C CYS A 1139 -7.74 3.33 21.53
N TYR A 1140 -8.28 2.60 20.55
CA TYR A 1140 -9.60 2.92 20.02
C TYR A 1140 -10.67 2.77 21.07
N ARG A 1141 -10.55 1.74 21.91
CA ARG A 1141 -11.54 1.55 22.97
C ARG A 1141 -11.53 2.66 24.02
N LYS A 1142 -10.49 3.48 24.08
CA LYS A 1142 -10.40 4.55 25.06
C LYS A 1142 -10.51 5.94 24.43
N GLY A 1143 -10.69 6.04 23.11
CA GLY A 1143 -10.91 7.32 22.48
C GLY A 1143 -9.68 8.01 21.94
N LEU A 1144 -8.72 7.27 21.41
CA LEU A 1144 -7.46 7.83 20.97
C LEU A 1144 -7.37 7.82 19.44
N THR A 1145 -6.86 8.92 18.88
CA THR A 1145 -6.53 8.99 17.47
C THR A 1145 -5.11 8.47 17.29
N PHE A 1146 -4.98 7.30 16.69
CA PHE A 1146 -3.75 6.53 16.69
C PHE A 1146 -3.31 6.25 15.26
N VAL A 1147 -2.11 6.68 14.90
CA VAL A 1147 -1.46 6.27 13.67
C VAL A 1147 -0.04 5.83 14.03
N SER A 1148 0.53 4.98 13.17
CA SER A 1148 1.76 4.28 13.51
C SER A 1148 2.76 4.35 12.37
N VAL A 1149 4.01 4.64 12.72
CA VAL A 1149 5.12 4.68 11.78
C VAL A 1149 6.14 3.68 12.33
N HIS A 1150 5.62 2.53 12.75
CA HIS A 1150 6.37 1.28 12.71
C HIS A 1150 7.52 1.23 13.71
N ASP A 1151 7.16 0.97 14.98
CA ASP A 1151 7.86 1.12 16.26
C ASP A 1151 7.66 2.56 16.72
N CYS A 1152 7.09 3.41 15.88
CA CYS A 1152 6.79 4.78 16.24
C CYS A 1152 5.28 4.96 16.24
N TYR A 1153 4.74 5.30 17.40
CA TYR A 1153 3.30 5.47 17.58
C TYR A 1153 3.02 6.95 17.80
N TRP A 1154 2.05 7.48 17.06
CA TRP A 1154 1.75 8.91 17.08
C TRP A 1154 0.39 9.13 17.73
N THR A 1155 0.29 10.17 18.54
CA THR A 1155 -1.02 10.53 19.09
C THR A 1155 -1.03 12.02 19.43
N HIS A 1156 -2.12 12.48 20.00
CA HIS A 1156 -2.15 13.81 20.58
C HIS A 1156 -1.27 13.85 21.82
N ALA A 1157 -0.82 15.06 22.17
CA ALA A 1157 0.04 15.23 23.34
C ALA A 1157 -0.69 14.92 24.65
N ALA A 1158 -2.03 14.97 24.63
CA ALA A 1158 -2.79 14.68 25.83
C ALA A 1158 -2.86 13.20 26.13
N ASP A 1159 -2.81 12.34 25.11
CA ASP A 1159 -3.07 10.92 25.28
C ASP A 1159 -1.79 10.08 25.39
N VAL A 1160 -0.61 10.72 25.38
CA VAL A 1160 0.66 10.00 25.25
C VAL A 1160 0.85 9.00 26.38
N SER A 1161 0.66 9.46 27.62
CA SER A 1161 0.75 8.59 28.79
C SER A 1161 -0.20 7.42 28.67
N VAL A 1162 -1.45 7.70 28.26
CA VAL A 1162 -2.45 6.65 28.09
C VAL A 1162 -1.97 5.63 27.09
N MET A 1163 -1.45 6.11 25.94
CA MET A 1163 -0.99 5.21 24.90
C MET A 1163 0.19 4.38 25.41
N ASN A 1164 1.08 5.03 26.18
CA ASN A 1164 2.22 4.34 26.77
C ASN A 1164 1.75 3.19 27.63
N GLN A 1165 0.74 3.44 28.46
CA GLN A 1165 0.16 2.41 29.31
C GLN A 1165 -0.35 1.26 28.46
N VAL A 1166 -1.14 1.62 27.43
CA VAL A 1166 -1.71 0.62 26.53
C VAL A 1166 -0.59 -0.15 25.84
N CYS A 1167 0.44 0.58 25.40
CA CYS A 1167 1.58 -0.03 24.71
C CYS A 1167 2.20 -1.11 25.57
N ARG A 1168 2.48 -0.76 26.83
CA ARG A 1168 3.16 -1.70 27.71
C ARG A 1168 2.28 -2.90 27.99
N GLU A 1169 0.98 -2.65 28.18
CA GLU A 1169 0.06 -3.75 28.43
C GLU A 1169 0.00 -4.68 27.23
N GLN A 1170 -0.02 -4.12 26.02
CA GLN A 1170 -0.18 -4.98 24.86
C GLN A 1170 1.14 -5.58 24.44
N PHE A 1171 2.24 -5.20 25.11
CA PHE A 1171 3.45 -6.00 24.99
C PHE A 1171 3.37 -7.19 25.92
N VAL A 1172 2.91 -6.94 27.15
CA VAL A 1172 2.92 -7.95 28.21
C VAL A 1172 1.96 -9.07 27.89
N ARG A 1173 0.76 -8.72 27.40
CA ARG A 1173 -0.19 -9.74 26.97
C ARG A 1173 0.29 -10.46 25.72
N LEU A 1174 1.10 -9.81 24.90
CA LEU A 1174 1.55 -10.45 23.66
C LEU A 1174 2.57 -11.54 23.94
N HIS A 1175 3.53 -11.26 24.81
CA HIS A 1175 4.64 -12.17 25.04
C HIS A 1175 4.42 -13.08 26.24
N SER A 1176 3.31 -12.90 26.96
CA SER A 1176 2.91 -13.89 27.94
C SER A 1176 2.44 -15.17 27.26
N GLU A 1177 2.04 -15.06 26.00
CA GLU A 1177 1.70 -16.24 25.22
C GLU A 1177 2.98 -17.03 24.94
N PRO A 1178 2.92 -18.35 24.94
CA PRO A 1178 4.09 -19.13 24.53
C PRO A 1178 4.31 -19.07 23.03
N ILE A 1179 4.86 -17.95 22.54
CA ILE A 1179 5.01 -17.72 21.11
C ILE A 1179 6.00 -18.71 20.50
N LEU A 1180 7.10 -18.98 21.20
CA LEU A 1180 8.04 -20.00 20.76
C LEU A 1180 7.40 -21.38 20.73
N GLN A 1181 6.65 -21.74 21.77
CA GLN A 1181 6.02 -23.05 21.82
C GLN A 1181 4.91 -23.18 20.78
N ASP A 1182 4.08 -22.14 20.63
CA ASP A 1182 3.03 -22.15 19.62
C ASP A 1182 3.60 -22.24 18.22
N LEU A 1183 4.68 -21.49 17.95
CA LEU A 1183 5.34 -21.55 16.67
C LEU A 1183 5.94 -22.93 16.41
N SER A 1184 6.56 -23.53 17.44
CA SER A 1184 7.17 -24.85 17.27
C SER A 1184 6.12 -25.92 16.99
N ARG A 1185 5.01 -25.91 17.73
CA ARG A 1185 3.99 -26.92 17.49
C ARG A 1185 3.23 -26.65 16.20
N PHE A 1186 3.08 -25.39 15.78
CA PHE A 1186 2.50 -25.11 14.48
C PHE A 1186 3.38 -25.61 13.35
N LEU A 1187 4.69 -25.42 13.46
CA LEU A 1187 5.58 -25.90 12.41
C LEU A 1187 5.70 -27.41 12.43
N VAL A 1188 5.57 -28.05 13.59
CA VAL A 1188 5.57 -29.51 13.65
C VAL A 1188 4.29 -30.07 13.02
N LYS A 1189 3.14 -29.43 13.28
CA LYS A 1189 1.90 -29.84 12.64
C LYS A 1189 1.94 -29.60 11.13
N ARG A 1190 2.49 -28.46 10.71
CA ARG A 1190 2.45 -28.08 9.31
C ARG A 1190 3.44 -28.89 8.46
N PHE A 1191 4.66 -29.09 8.97
CA PHE A 1191 5.74 -29.60 8.12
C PHE A 1191 6.26 -30.97 8.51
N CYS A 1192 5.91 -31.49 9.69
CA CYS A 1192 6.43 -32.76 10.16
C CYS A 1192 5.33 -33.81 10.37
N SER A 1193 4.18 -33.65 9.70
CA SER A 1193 3.07 -34.57 9.85
C SER A 1193 2.93 -35.52 8.67
N GLU A 1194 3.92 -35.59 7.79
CA GLU A 1194 3.71 -36.50 6.68
C GLU A 1194 4.43 -37.82 6.92
N PRO A 1195 3.84 -38.95 6.48
CA PRO A 1195 4.48 -40.25 6.72
C PRO A 1195 5.53 -40.62 5.69
N GLN A 1196 5.59 -39.95 4.54
CA GLN A 1196 6.46 -40.39 3.46
C GLN A 1196 7.93 -40.15 3.78
N LYS A 1197 8.26 -38.96 4.26
CA LYS A 1197 9.65 -38.62 4.60
C LYS A 1197 9.86 -38.90 6.08
N ILE A 1198 10.70 -39.88 6.37
CA ILE A 1198 10.91 -40.29 7.76
C ILE A 1198 12.08 -39.54 8.38
N LEU A 1199 13.27 -39.65 7.77
CA LEU A 1199 14.47 -39.10 8.39
C LEU A 1199 14.51 -37.59 8.32
N GLU A 1200 14.04 -37.00 7.21
CA GLU A 1200 13.98 -35.54 7.10
C GLU A 1200 13.03 -34.96 8.13
N ALA A 1201 11.84 -35.57 8.28
CA ALA A 1201 10.89 -35.10 9.27
C ALA A 1201 11.39 -35.33 10.69
N SER A 1202 12.17 -36.40 10.91
CA SER A 1202 12.73 -36.63 12.24
C SER A 1202 13.77 -35.55 12.59
N GLN A 1203 14.64 -35.22 11.63
CA GLN A 1203 15.64 -34.17 11.86
C GLN A 1203 14.98 -32.81 12.06
N LEU A 1204 14.00 -32.47 11.23
CA LEU A 1204 13.29 -31.21 11.42
C LEU A 1204 12.48 -31.19 12.71
N LYS A 1205 11.93 -32.33 13.12
CA LYS A 1205 11.16 -32.37 14.36
C LYS A 1205 12.06 -32.21 15.57
N GLU A 1206 13.23 -32.85 15.58
CA GLU A 1206 14.13 -32.67 16.71
C GLU A 1206 14.80 -31.31 16.68
N THR A 1207 14.85 -30.65 15.52
CA THR A 1207 15.28 -29.26 15.48
C THR A 1207 14.19 -28.35 16.05
N LEU A 1208 12.94 -28.56 15.65
CA LEU A 1208 11.85 -27.68 16.06
C LEU A 1208 11.51 -27.86 17.53
N GLN A 1209 11.63 -29.08 18.04
CA GLN A 1209 11.36 -29.34 19.45
C GLN A 1209 12.54 -29.00 20.34
N ALA A 1210 13.68 -28.62 19.76
CA ALA A 1210 14.80 -28.08 20.53
C ALA A 1210 14.67 -26.56 20.63
N VAL A 1211 13.53 -26.14 21.15
CA VAL A 1211 13.26 -24.71 21.38
C VAL A 1211 14.17 -24.21 22.49
N PRO A 1212 14.70 -22.98 22.38
CA PRO A 1212 15.48 -22.44 23.50
C PRO A 1212 14.60 -22.18 24.72
N LYS A 1213 15.15 -22.50 25.89
CA LYS A 1213 14.42 -22.33 27.12
C LYS A 1213 14.36 -20.85 27.50
N PRO A 1214 13.26 -20.41 28.09
CA PRO A 1214 13.19 -19.03 28.57
C PRO A 1214 14.05 -18.83 29.80
N GLY A 1215 14.49 -17.59 29.98
CA GLY A 1215 15.27 -17.22 31.15
C GLY A 1215 14.41 -16.92 32.34
N ALA A 1216 14.86 -15.96 33.15
CA ALA A 1216 14.15 -15.55 34.36
C ALA A 1216 13.96 -14.04 34.31
N PHE A 1217 12.89 -13.60 33.66
CA PHE A 1217 12.55 -12.19 33.61
C PHE A 1217 11.03 -12.05 33.65
N ASP A 1218 10.57 -11.11 34.47
CA ASP A 1218 9.14 -10.88 34.67
C ASP A 1218 8.67 -9.85 33.66
N LEU A 1219 7.74 -10.24 32.79
CA LEU A 1219 7.26 -9.37 31.73
C LEU A 1219 6.40 -8.22 32.26
N GLU A 1220 5.69 -8.43 33.38
CA GLU A 1220 4.88 -7.39 34.02
C GLU A 1220 5.70 -6.16 34.37
N GLN A 1221 7.00 -6.34 34.60
CA GLN A 1221 7.89 -5.24 34.93
C GLN A 1221 8.10 -4.29 33.76
N VAL A 1222 7.81 -4.76 32.53
CA VAL A 1222 7.78 -3.87 31.37
C VAL A 1222 6.68 -2.82 31.50
N LYS A 1223 5.59 -3.15 32.21
CA LYS A 1223 4.58 -2.15 32.54
C LYS A 1223 5.16 -1.04 33.39
N ARG A 1224 6.18 -1.34 34.19
CA ARG A 1224 6.86 -0.34 35.00
C ARG A 1224 7.94 0.40 34.24
N SER A 1225 8.30 -0.06 33.06
CA SER A 1225 9.41 0.54 32.32
C SER A 1225 9.01 1.89 31.75
N THR A 1226 9.92 2.86 31.84
CA THR A 1226 9.70 4.19 31.32
C THR A 1226 10.23 4.36 29.90
N TYR A 1227 11.39 3.77 29.60
CA TYR A 1227 12.06 3.96 28.31
C TYR A 1227 11.85 2.78 27.39
N PHE A 1228 10.82 1.98 27.65
CA PHE A 1228 10.43 0.93 26.72
C PHE A 1228 9.99 1.51 25.39
N PHE A 1229 9.08 2.49 25.45
CA PHE A 1229 8.68 3.29 24.31
C PHE A 1229 8.80 4.76 24.72
N SER A 1230 9.91 5.38 24.39
CA SER A 1230 10.10 6.80 24.62
C SER A 1230 11.08 7.38 23.61
#